data_4Y9V
#
_entry.id   4Y9V
#
_cell.length_a   92.634
_cell.length_b   92.634
_cell.length_c   391.478
_cell.angle_alpha   90.00
_cell.angle_beta   90.00
_cell.angle_gamma   120.00
#
_symmetry.space_group_name_H-M   'H 3 2'
#
loop_
_entity.id
_entity.type
_entity.pdbx_description
1 polymer 'Particle-associated lyase'
2 branched '2-acetamido-2,4-dideoxy-alpha-L-erythro-hex-4-enopyranuronic acid-(1-3)-2-acetamido-2-deoxy-alpha-D-fucopyranose-(1-4)-2-acetamido-2-deoxy-beta-D-mannopyranuronic acid'
3 non-polymer 1,2-ETHANEDIOL
4 non-polymer 'SULFATE ION'
5 non-polymer 'CHLORIDE ION'
6 non-polymer 'SODIUM ION'
7 water water
#
_entity_poly.entity_id   1
_entity_poly.type   'polypeptide(L)'
_entity_poly.pdbx_seq_one_letter_code
;GSGSTVANNVTNPNVDMTGWLLANSASAILDKSGISQQEVNDLTAHLDTYLKKMNILPSEDISTVLNQVKSDGVKKLHVK
SREYIVNSLIEFTDDFEFVNETGTVFNFGDTGGFYASGSHTQITTLASDIVKNQSQSFDVADASQIQKGDWLVIYCTDDF
SYSPYRNYYRKGEFVEVASVSGNTVKFFGRAYDNYLTSENIVILKVNPINFKFNYLKTVSTDNNPNVPLVIDYARNFETG
YFENKGGKFAGLRLRRCFNFNIAINSAKNNAPANTLNYGIQISNCQNYNYFGGSNNSTRHAVAIGGDGDLGCVPCRNGYV
SGAILHSETDTSGADMHGNVERTVYDHCTTNYATFGAGDNEYSNCDIYEREGQGCVLIAEPRGGEFKLTNNTYYTKTPLN
SWSLVHGIIEKQLHEDLTVKLDGGCINGVGGASAGIVTIRQSNALNEALTKKVNVHITGGVSCDFDALRHWAWVEDGTIG
RYTVPIGYIIVDDVVNTKDTANPYLIYPSQSTLATNVKTRQMLQQGVVSVTSAVNNTATRANVINLKYKYSKAPNVIVSV
GNLVGSASWDATFFNEDTNVEPLRTPTPVNSLVAIDQVRPAILWNKKVVTPKTFNLYWESGIREI
;
_entity_poly.pdbx_strand_id   A
#
# COMPACT_ATOMS: atom_id res chain seq x y z
N ALA A 23 -49.90 36.80 -28.13
CA ALA A 23 -50.71 35.59 -27.96
C ALA A 23 -49.87 34.36 -28.27
N ASN A 24 -48.65 34.69 -28.79
CA ASN A 24 -47.83 33.65 -29.27
C ASN A 24 -46.74 33.27 -28.27
N SER A 25 -46.86 33.66 -27.05
CA SER A 25 -45.94 33.27 -25.98
CA SER A 25 -45.88 33.24 -26.04
C SER A 25 -46.29 31.90 -25.43
N ALA A 26 -45.30 31.16 -24.99
CA ALA A 26 -45.55 29.91 -24.28
C ALA A 26 -46.36 30.15 -23.01
N SER A 27 -46.30 31.35 -22.43
CA SER A 27 -47.10 31.69 -21.31
CA SER A 27 -47.09 31.66 -21.27
C SER A 27 -48.59 31.74 -21.61
N ALA A 28 -48.97 31.85 -22.89
CA ALA A 28 -50.38 31.93 -23.31
C ALA A 28 -51.00 30.58 -23.58
N ILE A 29 -50.21 29.54 -23.56
CA ILE A 29 -50.67 28.17 -23.89
C ILE A 29 -50.87 27.42 -22.60
N LEU A 30 -52.05 26.79 -22.41
N LEU A 30 -52.02 26.74 -22.47
CA LEU A 30 -52.33 26.10 -21.15
CA LEU A 30 -52.39 26.07 -21.24
C LEU A 30 -52.21 24.59 -21.29
C LEU A 30 -52.23 24.55 -21.34
N ASP A 31 -51.38 23.98 -20.47
CA ASP A 31 -51.33 22.54 -20.32
C ASP A 31 -52.61 22.07 -19.65
N LYS A 32 -53.00 20.81 -19.87
CA LYS A 32 -54.20 20.27 -19.26
C LYS A 32 -54.18 20.35 -17.74
N SER A 33 -53.01 20.37 -17.11
CA SER A 33 -52.94 20.48 -15.68
C SER A 33 -53.38 21.81 -15.10
N GLY A 34 -53.34 22.85 -15.94
CA GLY A 34 -53.58 24.21 -15.53
C GLY A 34 -52.36 25.08 -15.41
N ILE A 35 -51.16 24.53 -15.51
CA ILE A 35 -49.97 25.37 -15.65
C ILE A 35 -49.79 25.73 -17.10
N SER A 36 -49.07 26.84 -17.39
CA SER A 36 -48.83 27.24 -18.74
C SER A 36 -47.73 26.40 -19.38
N GLN A 37 -47.64 26.48 -20.71
CA GLN A 37 -46.54 25.79 -21.40
C GLN A 37 -45.20 26.36 -20.96
N GLN A 38 -45.11 27.65 -20.69
CA GLN A 38 -43.85 28.18 -20.14
C GLN A 38 -43.48 27.50 -18.84
N GLU A 39 -44.47 27.32 -17.97
CA GLU A 39 -44.21 26.64 -16.68
C GLU A 39 -43.81 25.19 -16.89
N VAL A 40 -44.39 24.49 -17.88
CA VAL A 40 -43.93 23.15 -18.20
C VAL A 40 -42.45 23.24 -18.61
N ASN A 41 -42.14 24.10 -19.53
CA ASN A 41 -40.77 24.26 -20.02
C ASN A 41 -39.80 24.54 -18.87
N ASP A 42 -40.21 25.37 -17.95
CA ASP A 42 -39.36 25.81 -16.83
C ASP A 42 -38.95 24.65 -15.91
N LEU A 43 -39.65 23.54 -15.97
CA LEU A 43 -39.30 22.37 -15.15
C LEU A 43 -38.00 21.73 -15.57
N THR A 44 -37.50 22.01 -16.76
CA THR A 44 -36.27 21.43 -17.24
C THR A 44 -35.34 22.55 -17.74
N ALA A 45 -34.11 22.59 -17.26
CA ALA A 45 -33.14 23.57 -17.69
C ALA A 45 -32.21 22.96 -18.77
N HIS A 46 -32.05 23.69 -19.85
CA HIS A 46 -31.17 23.34 -20.95
C HIS A 46 -30.19 24.44 -21.22
N LEU A 47 -28.94 24.07 -21.54
CA LEU A 47 -27.94 25.06 -21.87
C LEU A 47 -28.39 25.90 -23.06
N ASP A 48 -29.05 25.27 -24.05
CA ASP A 48 -29.38 26.01 -25.28
C ASP A 48 -30.29 27.21 -25.02
N THR A 49 -31.23 27.12 -24.07
CA THR A 49 -32.07 28.27 -23.80
C THR A 49 -31.26 29.42 -23.23
N TYR A 50 -30.28 29.15 -22.36
CA TYR A 50 -29.39 30.11 -21.83
CA TYR A 50 -29.41 30.17 -21.83
C TYR A 50 -28.51 30.74 -22.91
N LEU A 51 -27.98 29.93 -23.81
CA LEU A 51 -27.18 30.47 -24.90
C LEU A 51 -27.97 31.47 -25.71
N LYS A 52 -29.22 31.13 -26.07
CA LYS A 52 -30.06 32.06 -26.81
CA LYS A 52 -30.04 32.07 -26.82
C LYS A 52 -30.29 33.31 -26.01
N LYS A 53 -30.71 33.19 -24.77
CA LYS A 53 -31.16 34.37 -24.02
C LYS A 53 -30.00 35.30 -23.75
N MET A 54 -28.81 34.76 -23.49
CA MET A 54 -27.63 35.52 -23.24
C MET A 54 -26.89 35.97 -24.52
N ASN A 55 -27.41 35.54 -25.66
N ASN A 55 -27.38 35.61 -25.69
CA ASN A 55 -26.82 35.85 -26.97
CA ASN A 55 -26.76 35.99 -26.97
C ASN A 55 -25.35 35.47 -27.04
C ASN A 55 -25.35 35.46 -27.09
N ILE A 56 -25.08 34.23 -26.66
CA ILE A 56 -23.77 33.62 -26.76
C ILE A 56 -23.88 32.45 -27.73
N LEU A 57 -23.08 32.44 -28.79
CA LEU A 57 -23.13 31.36 -29.75
C LEU A 57 -22.51 30.10 -29.12
N PRO A 58 -22.96 28.92 -29.53
CA PRO A 58 -22.37 27.68 -28.99
C PRO A 58 -20.92 27.44 -29.40
N SER A 59 -20.38 28.24 -30.33
CA SER A 59 -19.01 28.24 -30.77
C SER A 59 -18.11 29.18 -29.95
N GLU A 60 -18.68 30.00 -29.08
CA GLU A 60 -17.96 31.01 -28.31
C GLU A 60 -17.65 30.48 -26.91
N ASP A 61 -16.80 31.18 -26.17
CA ASP A 61 -16.58 30.83 -24.77
C ASP A 61 -17.91 30.91 -24.01
N ILE A 62 -18.28 29.82 -23.35
CA ILE A 62 -19.51 29.74 -22.60
C ILE A 62 -19.31 29.93 -21.09
N SER A 63 -18.12 30.37 -20.69
CA SER A 63 -17.87 30.57 -19.25
C SER A 63 -18.93 31.45 -18.57
N THR A 64 -19.30 32.56 -19.20
CA THR A 64 -20.27 33.44 -18.57
C THR A 64 -21.62 32.76 -18.48
N VAL A 65 -21.95 31.86 -19.39
CA VAL A 65 -23.21 31.16 -19.40
C VAL A 65 -23.25 30.14 -18.27
N LEU A 66 -22.20 29.30 -18.15
CA LEU A 66 -22.14 28.37 -17.01
C LEU A 66 -22.21 29.10 -15.68
N ASN A 67 -21.46 30.21 -15.58
CA ASN A 67 -21.51 30.99 -14.34
C ASN A 67 -22.92 31.53 -14.09
N GLN A 68 -23.64 31.98 -15.15
CA GLN A 68 -24.98 32.50 -14.94
C GLN A 68 -25.95 31.40 -14.52
N VAL A 69 -25.86 30.24 -15.15
CA VAL A 69 -26.72 29.11 -14.77
C VAL A 69 -26.55 28.78 -13.28
N LYS A 70 -25.33 28.66 -12.82
CA LYS A 70 -25.09 28.30 -11.42
C LYS A 70 -25.50 29.46 -10.51
N SER A 71 -25.32 30.69 -10.95
N SER A 71 -25.21 30.68 -10.95
CA SER A 71 -25.66 31.85 -10.15
CA SER A 71 -25.58 31.82 -10.13
C SER A 71 -27.18 31.96 -10.01
C SER A 71 -27.09 31.96 -10.06
N ASP A 72 -27.89 31.50 -11.03
CA ASP A 72 -29.31 31.52 -11.00
C ASP A 72 -29.81 30.38 -10.04
N GLY A 73 -28.97 29.57 -9.54
CA GLY A 73 -29.47 28.50 -8.67
C GLY A 73 -30.12 27.35 -9.40
N VAL A 74 -29.86 27.18 -10.71
CA VAL A 74 -30.38 26.03 -11.49
C VAL A 74 -29.78 24.83 -10.83
N LYS A 75 -30.59 23.82 -10.52
N LYS A 75 -30.64 23.87 -10.53
CA LYS A 75 -30.09 22.62 -9.84
CA LYS A 75 -30.19 22.65 -9.83
C LYS A 75 -29.90 21.42 -10.72
C LYS A 75 -29.62 21.62 -10.76
N LYS A 76 -30.26 21.52 -11.99
N LYS A 76 -30.32 21.35 -11.87
CA LYS A 76 -30.02 20.39 -12.89
CA LYS A 76 -29.96 20.32 -12.84
C LYS A 76 -30.00 20.98 -14.29
C LYS A 76 -29.95 20.98 -14.23
N LEU A 77 -28.86 20.82 -14.97
CA LEU A 77 -28.69 21.39 -16.29
C LEU A 77 -28.46 20.30 -17.33
N HIS A 78 -29.28 20.29 -18.36
CA HIS A 78 -29.13 19.39 -19.52
C HIS A 78 -28.30 20.09 -20.57
N VAL A 79 -27.35 19.38 -21.15
CA VAL A 79 -26.42 19.94 -22.14
C VAL A 79 -26.43 19.09 -23.42
N LYS A 80 -26.67 19.74 -24.54
CA LYS A 80 -26.62 19.13 -25.86
C LYS A 80 -25.19 18.86 -26.26
N SER A 81 -25.00 17.74 -26.97
CA SER A 81 -23.67 17.30 -27.41
C SER A 81 -23.06 18.27 -28.43
N ARG A 82 -22.05 18.99 -27.98
CA ARG A 82 -21.16 19.84 -28.76
C ARG A 82 -19.85 19.91 -27.98
N GLU A 83 -18.80 20.41 -28.63
CA GLU A 83 -17.59 20.83 -27.92
C GLU A 83 -17.72 22.32 -27.60
N TYR A 84 -17.63 22.68 -26.35
CA TYR A 84 -17.79 24.06 -25.88
C TYR A 84 -16.48 24.58 -25.34
N ILE A 85 -16.10 25.81 -25.74
CA ILE A 85 -14.99 26.52 -25.14
C ILE A 85 -15.38 26.99 -23.73
N VAL A 86 -14.51 26.70 -22.75
CA VAL A 86 -14.69 27.17 -21.38
C VAL A 86 -13.31 27.67 -20.90
N ASN A 87 -13.04 28.99 -21.10
CA ASN A 87 -11.73 29.50 -20.76
C ASN A 87 -11.55 29.86 -19.29
N SER A 88 -12.64 29.96 -18.52
CA SER A 88 -12.56 30.28 -17.11
C SER A 88 -12.52 29.03 -16.23
N LEU A 89 -12.01 29.24 -15.03
CA LEU A 89 -12.14 28.29 -13.93
C LEU A 89 -13.52 28.48 -13.34
N ILE A 90 -14.40 27.49 -13.51
CA ILE A 90 -15.77 27.53 -13.05
C ILE A 90 -15.78 26.90 -11.64
N GLU A 91 -16.11 27.69 -10.63
N GLU A 91 -16.16 27.70 -10.64
CA GLU A 91 -16.06 27.32 -9.22
CA GLU A 91 -16.10 27.31 -9.23
C GLU A 91 -17.45 27.09 -8.67
C GLU A 91 -17.52 27.10 -8.74
N PHE A 92 -17.88 25.83 -8.60
CA PHE A 92 -19.18 25.44 -8.07
C PHE A 92 -19.06 25.36 -6.55
N THR A 93 -19.91 26.11 -5.85
CA THR A 93 -19.95 26.13 -4.41
C THR A 93 -21.30 25.79 -3.83
N ASP A 94 -22.25 25.48 -4.68
CA ASP A 94 -23.55 24.96 -4.33
C ASP A 94 -23.81 23.70 -5.13
N ASP A 95 -24.71 22.86 -4.64
CA ASP A 95 -25.10 21.65 -5.34
C ASP A 95 -25.44 21.95 -6.79
N PHE A 96 -25.03 21.05 -7.68
CA PHE A 96 -25.24 21.23 -9.11
C PHE A 96 -25.20 19.86 -9.77
N GLU A 97 -26.04 19.63 -10.76
CA GLU A 97 -26.06 18.38 -11.51
C GLU A 97 -26.05 18.65 -13.01
N PHE A 98 -25.09 18.06 -13.71
CA PHE A 98 -25.11 18.02 -15.16
C PHE A 98 -25.77 16.72 -15.64
N VAL A 99 -26.58 16.86 -16.72
CA VAL A 99 -27.04 15.75 -17.53
C VAL A 99 -26.56 16.03 -18.95
N ASN A 100 -25.39 15.48 -19.29
CA ASN A 100 -24.72 15.76 -20.54
C ASN A 100 -24.93 14.65 -21.57
N GLU A 101 -25.27 14.99 -22.80
CA GLU A 101 -25.30 14.01 -23.87
CA GLU A 101 -25.28 14.01 -23.86
C GLU A 101 -23.86 13.50 -24.11
N THR A 102 -23.73 12.27 -24.55
CA THR A 102 -22.43 11.78 -24.97
C THR A 102 -21.87 12.69 -26.06
N GLY A 103 -20.58 12.93 -26.00
CA GLY A 103 -19.93 13.84 -26.92
C GLY A 103 -19.97 15.31 -26.51
N THR A 104 -20.61 15.59 -25.40
CA THR A 104 -20.45 16.92 -24.78
C THR A 104 -19.01 17.01 -24.27
N VAL A 105 -18.27 17.99 -24.75
CA VAL A 105 -16.88 18.15 -24.35
C VAL A 105 -16.69 19.60 -23.91
N PHE A 106 -16.07 19.82 -22.76
CA PHE A 106 -15.69 21.16 -22.33
C PHE A 106 -14.18 21.32 -22.60
N ASN A 107 -13.87 22.27 -23.50
N ASN A 107 -13.87 22.29 -23.47
CA ASN A 107 -12.48 22.52 -23.88
CA ASN A 107 -12.52 22.60 -23.90
C ASN A 107 -11.98 23.73 -23.08
C ASN A 107 -11.97 23.77 -23.08
N PHE A 108 -11.20 23.44 -22.08
CA PHE A 108 -10.62 24.39 -21.15
C PHE A 108 -9.37 25.07 -21.69
N GLY A 109 -8.83 24.60 -22.82
CA GLY A 109 -7.65 25.27 -23.34
C GLY A 109 -6.56 25.34 -22.31
N ASP A 110 -5.89 26.51 -22.25
CA ASP A 110 -4.80 26.75 -21.35
C ASP A 110 -5.22 27.24 -19.95
N THR A 111 -6.46 27.71 -19.80
CA THR A 111 -6.83 28.47 -18.64
C THR A 111 -8.05 27.96 -17.88
N GLY A 112 -8.89 27.11 -18.44
CA GLY A 112 -10.14 26.75 -17.79
C GLY A 112 -10.06 25.51 -16.90
N GLY A 113 -11.15 25.25 -16.21
CA GLY A 113 -11.32 24.00 -15.45
C GLY A 113 -12.62 24.08 -14.69
N PHE A 114 -12.98 22.97 -14.03
CA PHE A 114 -14.09 22.91 -13.12
C PHE A 114 -13.56 22.60 -11.71
N TYR A 115 -14.10 23.30 -10.71
CA TYR A 115 -13.72 23.07 -9.33
C TYR A 115 -14.99 23.07 -8.50
N ALA A 116 -15.38 21.96 -7.92
CA ALA A 116 -16.59 21.85 -7.12
C ALA A 116 -16.15 21.66 -5.66
N SER A 117 -16.62 22.54 -4.77
CA SER A 117 -16.15 22.50 -3.42
C SER A 117 -17.24 22.79 -2.39
N GLY A 118 -17.23 21.99 -1.33
CA GLY A 118 -17.84 22.34 -0.07
C GLY A 118 -16.96 23.33 0.69
N SER A 119 -17.31 23.59 1.92
CA SER A 119 -16.58 24.60 2.69
C SER A 119 -16.35 24.11 4.12
N HIS A 120 -15.41 24.74 4.78
CA HIS A 120 -15.19 24.53 6.19
C HIS A 120 -15.20 25.84 6.96
N THR A 121 -15.34 25.78 8.29
N THR A 121 -15.27 25.63 8.27
CA THR A 121 -15.04 26.84 9.22
CA THR A 121 -15.03 26.71 9.22
C THR A 121 -14.34 26.20 10.43
C THR A 121 -14.31 26.15 10.44
N GLN A 122 -13.42 26.91 11.11
CA GLN A 122 -12.92 26.49 12.40
C GLN A 122 -13.93 26.86 13.44
N ILE A 123 -14.54 25.90 14.05
CA ILE A 123 -15.53 26.15 15.08
C ILE A 123 -14.96 26.12 16.50
N THR A 124 -13.91 25.34 16.74
CA THR A 124 -13.42 25.21 18.11
C THR A 124 -12.04 24.58 18.10
N THR A 125 -11.60 24.17 19.28
CA THR A 125 -10.32 23.53 19.54
C THR A 125 -10.57 22.29 20.41
N LEU A 126 -9.58 21.38 20.36
CA LEU A 126 -9.65 20.17 21.21
C LEU A 126 -9.39 20.50 22.64
N ALA A 127 -10.19 19.91 23.55
CA ALA A 127 -10.13 20.17 24.97
C ALA A 127 -9.93 18.91 25.84
N SER A 128 -9.74 17.74 25.22
CA SER A 128 -9.31 16.55 25.95
C SER A 128 -8.35 15.78 25.05
N ASP A 129 -7.57 14.89 25.64
CA ASP A 129 -6.62 14.12 24.88
C ASP A 129 -7.35 12.94 24.20
N ILE A 130 -6.98 12.69 22.96
CA ILE A 130 -7.49 11.58 22.14
C ILE A 130 -6.41 10.52 22.05
N VAL A 131 -6.80 9.27 22.29
CA VAL A 131 -5.92 8.11 22.29
C VAL A 131 -6.18 7.26 21.06
N LYS A 132 -5.12 7.05 20.26
CA LYS A 132 -5.15 6.26 19.03
CA LYS A 132 -5.17 6.27 19.04
C LYS A 132 -5.75 4.89 19.31
N ASN A 133 -6.70 4.52 18.46
CA ASN A 133 -7.38 3.23 18.44
C ASN A 133 -8.28 2.99 19.63
N GLN A 134 -8.50 3.98 20.49
CA GLN A 134 -9.22 3.78 21.71
C GLN A 134 -10.35 4.78 21.88
N SER A 135 -10.09 6.08 21.73
CA SER A 135 -11.11 7.06 21.99
C SER A 135 -12.24 6.99 20.95
N GLN A 136 -13.46 7.26 21.44
CA GLN A 136 -14.65 7.47 20.61
C GLN A 136 -15.34 8.77 20.99
N SER A 137 -14.67 9.63 21.72
CA SER A 137 -15.22 10.92 22.10
CA SER A 137 -15.21 10.90 22.18
C SER A 137 -14.05 11.85 22.41
N PHE A 138 -14.40 13.15 22.44
CA PHE A 138 -13.44 14.18 22.84
C PHE A 138 -14.26 15.38 23.31
N ASP A 139 -13.63 16.16 24.20
CA ASP A 139 -14.21 17.41 24.61
C ASP A 139 -13.66 18.52 23.69
N VAL A 140 -14.48 19.56 23.54
CA VAL A 140 -14.11 20.76 22.79
C VAL A 140 -14.25 21.97 23.70
N ALA A 141 -13.65 23.08 23.26
CA ALA A 141 -13.82 24.34 23.97
C ALA A 141 -15.25 24.90 23.76
N ASP A 142 -15.91 24.61 22.66
CA ASP A 142 -17.22 25.18 22.35
C ASP A 142 -17.94 24.19 21.42
N ALA A 143 -19.02 23.59 21.91
CA ALA A 143 -19.81 22.67 21.11
C ALA A 143 -21.11 23.31 20.63
N SER A 144 -21.26 24.63 20.76
CA SER A 144 -22.52 25.27 20.43
C SER A 144 -22.90 25.19 18.97
N GLN A 145 -21.93 24.93 18.07
CA GLN A 145 -22.20 24.84 16.64
C GLN A 145 -22.14 23.40 16.15
N ILE A 146 -22.20 22.43 17.03
CA ILE A 146 -22.07 21.01 16.69
C ILE A 146 -23.38 20.29 16.91
N GLN A 147 -23.79 19.48 15.94
N GLN A 147 -23.77 19.50 15.93
CA GLN A 147 -25.02 18.71 15.90
CA GLN A 147 -24.89 18.61 16.17
C GLN A 147 -24.74 17.26 15.48
C GLN A 147 -24.63 17.25 15.56
N LYS A 148 -25.61 16.32 15.87
N LYS A 148 -25.40 16.32 16.06
CA LYS A 148 -25.51 14.97 15.38
CA LYS A 148 -25.39 14.97 15.54
C LYS A 148 -25.43 14.98 13.86
C LYS A 148 -25.42 14.91 14.04
N GLY A 149 -24.57 14.11 13.39
CA GLY A 149 -24.45 13.96 11.96
C GLY A 149 -23.44 14.88 11.30
N ASP A 150 -22.95 15.86 12.04
CA ASP A 150 -21.98 16.79 11.44
C ASP A 150 -20.70 16.04 11.07
N TRP A 151 -20.11 16.48 9.96
CA TRP A 151 -18.78 16.14 9.51
C TRP A 151 -17.81 17.16 10.11
N LEU A 152 -16.98 16.67 11.05
CA LEU A 152 -15.96 17.48 11.66
C LEU A 152 -14.58 17.01 11.17
N VAL A 153 -13.63 17.94 11.21
CA VAL A 153 -12.23 17.64 10.93
C VAL A 153 -11.44 17.96 12.20
N ILE A 154 -10.68 16.97 12.68
CA ILE A 154 -9.65 17.18 13.68
C ILE A 154 -8.37 17.43 12.89
N TYR A 155 -7.66 18.54 13.15
CA TYR A 155 -6.49 18.87 12.35
C TYR A 155 -5.43 19.55 13.18
N CYS A 156 -4.21 19.04 13.08
CA CYS A 156 -3.05 19.68 13.73
C CYS A 156 -2.35 20.57 12.74
N THR A 157 -2.23 21.88 13.13
CA THR A 157 -1.64 22.84 12.22
C THR A 157 -0.13 22.82 12.19
N ASP A 158 0.51 22.09 13.09
N ASP A 158 0.50 22.06 13.09
CA ASP A 158 1.97 22.06 13.09
CA ASP A 158 1.96 21.97 13.21
C ASP A 158 2.53 21.10 12.05
C ASP A 158 2.55 21.11 12.09
N ASP A 159 3.58 21.63 11.41
CA ASP A 159 4.29 20.90 10.38
C ASP A 159 4.86 19.58 10.95
N PHE A 160 4.87 18.57 10.07
CA PHE A 160 5.46 17.26 10.35
C PHE A 160 4.72 16.50 11.45
N SER A 161 3.50 16.91 11.82
CA SER A 161 2.84 16.31 12.96
C SER A 161 2.30 14.90 12.67
N TYR A 162 2.17 14.53 11.40
CA TYR A 162 1.91 13.15 11.04
C TYR A 162 3.22 12.40 10.69
N SER A 163 4.05 12.97 9.81
CA SER A 163 5.25 12.30 9.35
C SER A 163 6.38 13.29 9.20
N PRO A 164 7.62 12.82 9.47
CA PRO A 164 8.78 13.68 9.36
C PRO A 164 9.25 13.89 7.93
N TYR A 165 8.65 13.23 6.94
CA TYR A 165 9.19 13.29 5.59
C TYR A 165 8.89 14.58 4.84
N ARG A 166 7.72 15.20 5.08
CA ARG A 166 7.35 16.43 4.38
C ARG A 166 6.60 17.31 5.37
N ASN A 167 6.86 18.62 5.30
CA ASN A 167 6.33 19.51 6.29
CA ASN A 167 6.33 19.51 6.31
C ASN A 167 4.79 19.50 6.35
N TYR A 168 4.17 19.30 5.20
CA TYR A 168 2.72 19.32 5.10
C TYR A 168 2.06 17.98 5.46
N TYR A 169 2.84 17.01 5.87
CA TYR A 169 2.28 15.76 6.41
C TYR A 169 1.91 16.01 7.88
N ARG A 170 0.72 16.62 8.05
CA ARG A 170 0.17 17.01 9.33
C ARG A 170 -0.91 16.03 9.72
N LYS A 171 -1.06 15.80 11.04
CA LYS A 171 -2.02 14.80 11.52
C LYS A 171 -3.44 15.39 11.60
N GLY A 172 -4.41 14.49 11.50
CA GLY A 172 -5.81 14.84 11.58
C GLY A 172 -6.66 13.72 11.04
N GLU A 173 -7.98 13.87 11.13
CA GLU A 173 -8.89 12.89 10.58
C GLU A 173 -10.30 13.50 10.49
N PHE A 174 -11.15 12.85 9.73
CA PHE A 174 -12.55 13.19 9.63
C PHE A 174 -13.37 12.33 10.57
N VAL A 175 -14.37 12.92 11.23
CA VAL A 175 -15.28 12.20 12.07
C VAL A 175 -16.72 12.66 11.78
N GLU A 176 -17.66 11.76 12.08
CA GLU A 176 -19.08 12.10 12.11
C GLU A 176 -19.58 12.03 13.55
N VAL A 177 -20.30 13.09 13.94
CA VAL A 177 -20.77 13.20 15.31
C VAL A 177 -21.94 12.24 15.57
N ALA A 178 -21.82 11.48 16.65
CA ALA A 178 -22.87 10.60 17.16
C ALA A 178 -23.75 11.28 18.20
N SER A 179 -23.18 12.10 19.09
CA SER A 179 -23.97 12.81 20.09
C SER A 179 -23.11 13.93 20.65
N VAL A 180 -23.82 14.92 21.23
CA VAL A 180 -23.19 16.04 21.93
C VAL A 180 -23.84 16.13 23.32
N SER A 181 -23.04 16.21 24.35
CA SER A 181 -23.51 16.38 25.73
C SER A 181 -22.60 17.43 26.36
N GLY A 182 -23.14 18.64 26.56
CA GLY A 182 -22.32 19.74 27.00
C GLY A 182 -21.22 19.98 25.97
N ASN A 183 -19.98 19.97 26.38
CA ASN A 183 -18.85 20.12 25.48
C ASN A 183 -18.20 18.79 25.11
N THR A 184 -18.88 17.69 25.33
CA THR A 184 -18.37 16.37 24.97
C THR A 184 -19.01 15.90 23.66
N VAL A 185 -18.16 15.63 22.68
CA VAL A 185 -18.55 15.15 21.36
C VAL A 185 -18.24 13.67 21.26
N LYS A 186 -19.27 12.83 21.16
CA LYS A 186 -19.05 11.41 20.86
C LYS A 186 -19.11 11.25 19.37
N PHE A 187 -18.18 10.52 18.77
CA PHE A 187 -18.14 10.34 17.32
C PHE A 187 -18.19 8.85 17.00
N PHE A 188 -18.57 8.54 15.77
CA PHE A 188 -18.64 7.17 15.32
C PHE A 188 -17.23 6.63 15.02
N GLY A 189 -16.96 5.42 15.45
CA GLY A 189 -15.67 4.82 15.20
C GLY A 189 -14.68 5.13 16.30
N ARG A 190 -13.40 4.92 15.97
CA ARG A 190 -12.34 5.07 16.95
C ARG A 190 -11.26 5.96 16.34
N ALA A 191 -10.59 6.73 17.18
CA ALA A 191 -9.56 7.65 16.70
C ALA A 191 -8.45 6.89 15.98
N TYR A 192 -7.98 7.47 14.88
CA TYR A 192 -6.89 6.91 14.13
C TYR A 192 -5.53 7.41 14.57
N ASP A 193 -5.46 8.37 15.46
CA ASP A 193 -4.20 8.94 15.92
C ASP A 193 -4.40 9.50 17.32
N ASN A 194 -3.25 9.87 17.93
CA ASN A 194 -3.23 10.58 19.19
C ASN A 194 -3.26 12.09 18.91
N TYR A 195 -4.03 12.82 19.71
CA TYR A 195 -4.10 14.28 19.63
C TYR A 195 -4.19 14.81 21.05
N LEU A 196 -3.35 15.78 21.39
CA LEU A 196 -3.30 16.32 22.76
C LEU A 196 -3.89 17.71 22.82
N THR A 197 -4.52 18.03 23.95
N THR A 197 -4.54 18.08 23.92
CA THR A 197 -5.02 19.36 24.21
CA THR A 197 -5.06 19.43 24.14
C THR A 197 -3.95 20.40 23.98
C THR A 197 -3.95 20.45 24.12
N SER A 198 -2.74 20.05 24.49
CA SER A 198 -1.60 20.91 24.46
C SER A 198 -1.05 21.21 23.09
N GLU A 199 -1.40 20.45 22.08
CA GLU A 199 -0.98 20.58 20.71
C GLU A 199 -1.89 21.61 20.00
N ASN A 200 -1.49 22.07 18.81
CA ASN A 200 -2.28 22.98 18.01
C ASN A 200 -3.32 22.21 17.19
N ILE A 201 -4.37 21.77 17.90
CA ILE A 201 -5.43 20.94 17.32
C ILE A 201 -6.69 21.75 17.17
N VAL A 202 -7.09 22.01 15.93
CA VAL A 202 -8.28 22.76 15.60
C VAL A 202 -9.37 21.76 15.20
N ILE A 203 -10.62 22.20 15.38
CA ILE A 203 -11.81 21.45 15.01
C ILE A 203 -12.57 22.26 13.94
N LEU A 204 -12.68 21.70 12.75
CA LEU A 204 -13.39 22.28 11.65
C LEU A 204 -14.75 21.61 11.49
N LYS A 205 -15.73 22.35 10.97
N LYS A 205 -15.74 22.34 10.98
CA LYS A 205 -17.00 21.79 10.56
CA LYS A 205 -17.01 21.79 10.55
C LYS A 205 -17.15 21.95 9.06
C LYS A 205 -17.14 21.96 9.04
N VAL A 206 -17.56 20.91 8.37
CA VAL A 206 -17.68 20.91 6.92
C VAL A 206 -19.12 21.04 6.49
N ASN A 207 -19.32 21.85 5.44
N ASN A 207 -19.33 21.88 5.46
CA ASN A 207 -20.61 21.95 4.74
CA ASN A 207 -20.59 21.97 4.72
C ASN A 207 -20.37 21.37 3.35
C ASN A 207 -20.35 21.37 3.33
N PRO A 208 -20.74 20.12 3.11
CA PRO A 208 -20.34 19.43 1.88
C PRO A 208 -21.12 19.91 0.65
N ILE A 209 -20.52 19.70 -0.51
CA ILE A 209 -21.18 19.94 -1.80
C ILE A 209 -21.62 18.62 -2.42
N ASN A 210 -22.77 18.65 -3.14
N ASN A 210 -22.76 18.68 -3.10
CA ASN A 210 -23.25 17.53 -3.93
CA ASN A 210 -23.23 17.60 -3.94
C ASN A 210 -23.24 17.92 -5.42
C ASN A 210 -23.17 18.10 -5.39
N PHE A 211 -22.11 17.70 -6.07
CA PHE A 211 -21.84 18.01 -7.46
C PHE A 211 -21.91 16.72 -8.25
N LYS A 212 -22.86 16.62 -9.17
CA LYS A 212 -23.20 15.38 -9.87
CA LYS A 212 -23.27 15.40 -9.87
C LYS A 212 -23.07 15.55 -11.37
N PHE A 213 -22.78 14.43 -12.03
CA PHE A 213 -22.79 14.39 -13.49
C PHE A 213 -22.96 12.93 -13.89
N ASN A 214 -23.70 12.70 -14.98
CA ASN A 214 -23.75 11.40 -15.61
C ASN A 214 -22.49 11.12 -16.42
N TYR A 215 -21.96 12.16 -17.05
CA TYR A 215 -20.92 12.08 -18.08
C TYR A 215 -20.25 13.44 -18.08
N LEU A 216 -18.93 13.44 -17.98
N LEU A 216 -18.93 13.50 -17.94
CA LEU A 216 -18.19 14.70 -18.06
CA LEU A 216 -18.13 14.70 -18.07
C LEU A 216 -16.93 14.37 -18.84
C LEU A 216 -16.85 14.37 -18.84
N LYS A 217 -16.70 15.06 -19.96
CA LYS A 217 -15.56 14.85 -20.83
C LYS A 217 -14.95 16.24 -21.11
N THR A 218 -13.63 16.32 -20.91
CA THR A 218 -12.92 17.59 -20.94
C THR A 218 -11.67 17.47 -21.77
N VAL A 219 -11.21 18.60 -22.31
N VAL A 219 -11.23 18.63 -22.28
CA VAL A 219 -9.91 18.66 -22.96
CA VAL A 219 -9.98 18.80 -22.99
C VAL A 219 -9.24 19.96 -22.49
C VAL A 219 -9.26 20.02 -22.43
N SER A 220 -7.96 19.88 -22.18
CA SER A 220 -7.12 20.98 -21.76
C SER A 220 -5.77 20.81 -22.45
N THR A 221 -5.00 21.88 -22.56
CA THR A 221 -3.63 21.70 -22.99
C THR A 221 -2.80 21.07 -21.88
N ASP A 222 -1.62 20.58 -22.25
CA ASP A 222 -0.69 20.06 -21.26
C ASP A 222 -0.06 21.16 -20.42
N ASN A 223 -0.25 22.43 -20.75
CA ASN A 223 0.22 23.58 -20.00
C ASN A 223 -0.83 24.13 -19.03
N ASN A 224 -2.06 23.63 -19.06
CA ASN A 224 -3.12 24.21 -18.23
C ASN A 224 -2.87 23.77 -16.77
N PRO A 225 -2.64 24.69 -15.84
CA PRO A 225 -2.31 24.29 -14.47
C PRO A 225 -3.49 23.83 -13.67
N ASN A 226 -4.70 23.99 -14.19
CA ASN A 226 -5.90 23.55 -13.47
C ASN A 226 -6.11 22.06 -13.72
N VAL A 227 -6.36 21.31 -12.67
CA VAL A 227 -6.89 19.95 -12.83
C VAL A 227 -8.26 20.08 -13.48
N PRO A 228 -8.56 19.32 -14.55
CA PRO A 228 -9.83 19.53 -15.23
C PRO A 228 -11.06 19.47 -14.35
N LEU A 229 -11.10 18.51 -13.41
CA LEU A 229 -12.13 18.51 -12.39
C LEU A 229 -11.48 18.21 -11.02
N VAL A 230 -11.78 19.06 -10.04
CA VAL A 230 -11.55 18.79 -8.63
C VAL A 230 -12.92 18.75 -7.95
N ILE A 231 -13.14 17.72 -7.13
CA ILE A 231 -14.26 17.65 -6.19
C ILE A 231 -13.64 17.70 -4.79
N ASP A 232 -14.07 18.67 -3.98
CA ASP A 232 -13.45 18.98 -2.71
C ASP A 232 -14.53 19.10 -1.64
N TYR A 233 -14.32 18.48 -0.48
CA TYR A 233 -15.27 18.57 0.63
C TYR A 233 -16.69 18.09 0.20
N ALA A 234 -16.71 16.82 -0.22
CA ALA A 234 -17.93 16.09 -0.52
C ALA A 234 -17.90 14.76 0.23
N ARG A 235 -19.10 14.23 0.54
CA ARG A 235 -19.20 12.96 1.23
CA ARG A 235 -19.21 12.95 1.24
C ARG A 235 -20.31 12.09 0.65
N ASN A 236 -20.13 10.80 0.86
N ASN A 236 -20.22 10.78 0.83
CA ASN A 236 -21.09 9.74 0.58
CA ASN A 236 -21.30 9.84 0.59
C ASN A 236 -21.66 9.86 -0.83
C ASN A 236 -21.73 9.82 -0.88
N PHE A 237 -20.79 9.54 -1.80
CA PHE A 237 -21.13 9.66 -3.21
C PHE A 237 -20.37 8.63 -4.05
N GLU A 238 -20.89 8.45 -5.27
N GLU A 238 -20.97 8.39 -5.22
CA GLU A 238 -20.26 7.84 -6.43
CA GLU A 238 -20.32 7.63 -6.28
C GLU A 238 -20.70 8.61 -7.65
C GLU A 238 -20.24 8.58 -7.46
N THR A 239 -19.81 9.19 -8.46
N THR A 239 -19.08 8.67 -8.09
CA THR A 239 -20.20 10.03 -9.60
CA THR A 239 -18.91 9.54 -9.26
C THR A 239 -20.52 9.20 -10.85
C THR A 239 -19.62 8.93 -10.48
N GLY A 240 -20.96 9.93 -11.87
N GLY A 240 -19.90 9.80 -11.47
CA GLY A 240 -21.03 9.35 -13.18
CA GLY A 240 -20.29 9.35 -12.78
C GLY A 240 -19.68 9.26 -13.80
C GLY A 240 -19.10 9.13 -13.71
N TYR A 241 -19.45 9.02 -15.05
CA TYR A 241 -18.33 8.81 -15.94
C TYR A 241 -17.55 10.11 -16.15
N PHE A 242 -16.25 10.08 -15.99
CA PHE A 242 -15.35 11.19 -16.21
C PHE A 242 -14.23 10.81 -17.14
N GLU A 243 -13.90 11.73 -18.05
CA GLU A 243 -12.80 11.55 -18.95
C GLU A 243 -12.14 12.90 -19.21
N ASN A 244 -10.80 12.94 -19.16
CA ASN A 244 -10.07 14.14 -19.57
C ASN A 244 -9.02 13.79 -20.58
N LYS A 245 -8.68 14.78 -21.39
N LYS A 245 -8.68 14.78 -21.39
CA LYS A 245 -7.43 14.82 -22.13
CA LYS A 245 -7.46 14.86 -22.19
C LYS A 245 -6.70 16.09 -21.70
C LYS A 245 -6.69 16.08 -21.72
N GLY A 246 -5.43 15.96 -21.43
CA GLY A 246 -4.63 17.11 -21.09
C GLY A 246 -4.68 17.47 -19.62
N GLY A 247 -4.14 18.66 -19.34
CA GLY A 247 -3.91 19.13 -17.99
C GLY A 247 -2.46 18.91 -17.56
N LYS A 248 -1.86 19.92 -16.97
CA LYS A 248 -0.44 19.82 -16.62
C LYS A 248 -0.17 18.83 -15.48
N PHE A 249 -1.00 18.86 -14.43
CA PHE A 249 -0.65 18.20 -13.18
C PHE A 249 -1.40 16.92 -12.89
N ALA A 250 -2.71 16.89 -13.12
CA ALA A 250 -3.52 15.72 -12.82
C ALA A 250 -4.81 15.80 -13.62
N GLY A 251 -5.44 14.66 -13.84
CA GLY A 251 -6.68 14.62 -14.61
C GLY A 251 -7.93 14.83 -13.77
N LEU A 252 -8.01 14.14 -12.64
CA LEU A 252 -9.13 14.20 -11.72
C LEU A 252 -8.56 14.24 -10.32
N ARG A 253 -9.07 15.13 -9.47
CA ARG A 253 -8.66 15.14 -8.06
C ARG A 253 -9.90 15.07 -7.19
N LEU A 254 -9.89 14.14 -6.23
N LEU A 254 -9.87 14.16 -6.24
CA LEU A 254 -10.89 14.06 -5.15
CA LEU A 254 -10.86 14.08 -5.16
C LEU A 254 -10.11 14.53 -3.90
C LEU A 254 -10.11 14.53 -3.91
N ARG A 255 -10.55 15.64 -3.30
CA ARG A 255 -9.81 16.29 -2.23
C ARG A 255 -10.68 16.43 -1.00
N ARG A 256 -10.17 16.02 0.15
CA ARG A 256 -10.90 16.20 1.40
C ARG A 256 -12.33 15.63 1.27
N CYS A 257 -12.43 14.45 0.67
CA CYS A 257 -13.69 13.75 0.51
C CYS A 257 -13.74 12.56 1.47
N PHE A 258 -14.98 12.17 1.79
CA PHE A 258 -15.25 11.27 2.92
C PHE A 258 -16.35 10.31 2.51
N ASN A 259 -16.03 9.02 2.43
N ASN A 259 -16.07 9.02 2.45
CA ASN A 259 -17.01 7.97 2.04
CA ASN A 259 -17.00 7.92 2.09
C ASN A 259 -17.43 8.10 0.59
C ASN A 259 -17.44 8.01 0.63
N PHE A 260 -16.62 7.55 -0.30
CA PHE A 260 -16.99 7.64 -1.71
C PHE A 260 -16.42 6.45 -2.48
N ASN A 261 -17.07 6.20 -3.62
CA ASN A 261 -16.66 5.21 -4.60
C ASN A 261 -16.33 5.95 -5.91
N ILE A 262 -15.20 5.60 -6.50
CA ILE A 262 -14.81 6.13 -7.80
C ILE A 262 -15.31 5.23 -8.89
N ALA A 263 -16.19 5.72 -9.77
CA ALA A 263 -16.73 4.96 -10.89
C ALA A 263 -15.71 4.85 -12.01
N ILE A 264 -15.88 3.88 -12.86
N ILE A 264 -16.01 4.00 -12.96
CA ILE A 264 -14.93 3.69 -13.96
CA ILE A 264 -15.23 3.82 -14.19
C ILE A 264 -14.90 4.97 -14.77
C ILE A 264 -14.97 5.18 -14.82
N ASN A 265 -13.74 5.31 -15.33
CA ASN A 265 -13.38 6.62 -15.87
C ASN A 265 -12.22 6.46 -16.85
N SER A 266 -11.92 7.56 -17.52
N SER A 266 -11.89 7.57 -17.50
CA SER A 266 -10.77 7.75 -18.38
CA SER A 266 -10.64 7.59 -18.23
C SER A 266 -9.97 8.98 -17.89
C SER A 266 -9.82 8.84 -17.88
N ALA A 267 -9.66 9.06 -16.59
CA ALA A 267 -8.81 10.11 -16.07
C ALA A 267 -7.35 9.78 -16.37
N LYS A 268 -6.59 10.77 -16.80
CA LYS A 268 -5.23 10.52 -17.30
C LYS A 268 -4.39 11.79 -17.14
N ASN A 269 -3.08 11.62 -17.29
CA ASN A 269 -2.15 12.71 -17.49
C ASN A 269 -1.11 12.26 -18.51
N ASN A 270 -0.78 13.17 -19.45
CA ASN A 270 0.19 12.85 -20.48
C ASN A 270 1.18 13.98 -20.70
N ALA A 271 1.34 14.85 -19.71
CA ALA A 271 2.16 16.03 -19.84
C ALA A 271 3.63 15.67 -19.60
N PRO A 272 4.54 16.58 -20.00
CA PRO A 272 5.93 16.42 -19.62
C PRO A 272 6.05 16.28 -18.12
N ALA A 273 7.04 15.51 -17.68
CA ALA A 273 7.20 15.26 -16.25
C ALA A 273 7.40 16.52 -15.45
N ASN A 274 6.70 16.58 -14.33
CA ASN A 274 6.77 17.63 -13.36
C ASN A 274 6.69 16.99 -11.95
N THR A 275 6.30 17.73 -10.92
N THR A 275 6.27 17.75 -10.96
CA THR A 275 6.23 17.21 -9.58
CA THR A 275 6.21 17.24 -9.59
C THR A 275 5.02 16.31 -9.33
C THR A 275 4.99 16.39 -9.29
N LEU A 276 4.02 16.34 -10.20
CA LEU A 276 2.82 15.53 -10.04
C LEU A 276 2.76 14.54 -11.22
N ASN A 277 1.88 14.85 -12.20
CA ASN A 277 1.53 14.00 -13.33
C ASN A 277 0.76 12.76 -12.87
N TYR A 278 -0.47 13.01 -12.41
CA TYR A 278 -1.29 11.97 -11.82
C TYR A 278 -2.55 11.77 -12.66
N GLY A 279 -2.95 10.52 -12.88
CA GLY A 279 -4.24 10.30 -13.57
C GLY A 279 -5.40 10.74 -12.69
N ILE A 280 -5.52 10.06 -11.56
CA ILE A 280 -6.37 10.46 -10.46
C ILE A 280 -5.46 10.76 -9.27
N GLN A 281 -5.70 11.90 -8.62
CA GLN A 281 -5.10 12.18 -7.32
C GLN A 281 -6.18 12.10 -6.26
N ILE A 282 -5.98 11.20 -5.31
N ILE A 282 -5.94 11.23 -5.29
CA ILE A 282 -6.81 11.13 -4.09
CA ILE A 282 -6.69 11.12 -4.05
C ILE A 282 -6.04 11.93 -3.06
C ILE A 282 -5.98 11.95 -3.00
N SER A 283 -6.53 13.14 -2.77
CA SER A 283 -5.87 14.12 -1.92
C SER A 283 -6.56 14.20 -0.58
N ASN A 284 -5.93 13.70 0.48
CA ASN A 284 -6.44 13.96 1.83
C ASN A 284 -7.89 13.46 2.02
N CYS A 285 -8.12 12.20 1.63
CA CYS A 285 -9.44 11.59 1.69
C CYS A 285 -9.50 10.46 2.71
N GLN A 286 -10.73 10.11 3.09
CA GLN A 286 -10.96 9.07 4.09
C GLN A 286 -12.15 8.23 3.68
N ASN A 287 -11.94 6.91 3.63
N ASN A 287 -11.98 6.90 3.62
CA ASN A 287 -13.02 5.96 3.36
CA ASN A 287 -12.89 5.86 3.12
C ASN A 287 -13.38 6.04 1.89
C ASN A 287 -13.28 6.10 1.67
N TYR A 288 -12.71 5.25 1.12
N TYR A 288 -12.31 5.73 0.93
CA TYR A 288 -13.10 5.28 -0.28
CA TYR A 288 -12.31 5.90 -0.54
C TYR A 288 -12.60 4.05 -0.96
C TYR A 288 -12.06 4.58 -1.23
N ASN A 289 -13.32 3.80 -2.06
N ASN A 289 -12.89 4.28 -2.19
CA ASN A 289 -13.09 2.62 -2.84
CA ASN A 289 -12.90 2.97 -2.82
C ASN A 289 -13.06 2.96 -4.33
C ASN A 289 -12.87 3.10 -4.33
N TYR A 290 -12.34 2.12 -5.03
CA TYR A 290 -12.26 2.17 -6.51
C TYR A 290 -12.36 0.75 -6.99
N PHE A 291 -13.57 0.33 -7.32
CA PHE A 291 -13.92 -1.04 -7.69
C PHE A 291 -13.90 -1.16 -9.21
N GLY A 292 -12.73 -1.33 -9.74
CA GLY A 292 -12.47 -1.66 -11.09
C GLY A 292 -12.23 -0.46 -12.00
N GLY A 293 -11.20 -0.57 -12.80
CA GLY A 293 -10.90 0.47 -13.74
C GLY A 293 -9.48 0.39 -14.27
N SER A 294 -9.09 1.43 -14.99
N SER A 294 -9.09 1.41 -15.02
N SER A 294 -9.04 1.46 -14.93
CA SER A 294 -7.75 1.54 -15.56
CA SER A 294 -7.75 1.49 -15.58
CA SER A 294 -7.74 1.49 -15.56
C SER A 294 -7.41 3.01 -15.66
C SER A 294 -7.39 2.96 -15.66
C SER A 294 -7.28 2.90 -15.90
N ASN A 295 -6.13 3.29 -15.37
CA ASN A 295 -5.62 4.63 -15.52
C ASN A 295 -4.16 4.55 -15.95
N ASN A 296 -3.79 5.51 -16.81
CA ASN A 296 -2.44 5.66 -17.35
C ASN A 296 -2.00 7.11 -17.18
N SER A 297 -0.71 7.30 -16.88
CA SER A 297 -0.20 8.64 -16.65
C SER A 297 1.27 8.72 -16.97
N THR A 298 1.77 9.95 -17.19
CA THR A 298 3.22 10.15 -17.25
C THR A 298 3.89 9.63 -15.99
N ARG A 299 3.31 9.95 -14.82
CA ARG A 299 3.79 9.45 -13.53
C ARG A 299 2.68 8.59 -12.92
N HIS A 300 2.40 8.71 -11.63
CA HIS A 300 1.48 7.78 -10.99
C HIS A 300 0.10 7.85 -11.68
N ALA A 301 -0.46 6.67 -11.93
CA ALA A 301 -1.80 6.57 -12.49
C ALA A 301 -2.89 6.91 -11.47
N VAL A 302 -2.76 6.29 -10.27
CA VAL A 302 -3.49 6.71 -9.09
C VAL A 302 -2.43 7.13 -8.09
N ALA A 303 -2.48 8.42 -7.71
CA ALA A 303 -1.63 8.98 -6.66
C ALA A 303 -2.50 9.15 -5.43
N ILE A 304 -2.05 8.64 -4.30
CA ILE A 304 -2.77 8.78 -3.04
C ILE A 304 -1.87 9.63 -2.15
N GLY A 305 -2.33 10.81 -1.78
CA GLY A 305 -1.49 11.73 -1.04
C GLY A 305 -2.27 13.00 -0.73
N GLY A 306 -1.89 14.10 -1.38
CA GLY A 306 -2.58 15.37 -1.22
C GLY A 306 -1.64 16.54 -0.98
N ASP A 307 -2.17 17.51 -0.27
CA ASP A 307 -1.46 18.80 -0.11
C ASP A 307 -1.49 19.23 1.34
N GLY A 308 -1.38 20.54 1.59
CA GLY A 308 -1.06 21.05 2.90
C GLY A 308 -1.92 22.20 3.39
N ASP A 309 -3.08 22.43 2.81
CA ASP A 309 -3.96 23.43 3.35
C ASP A 309 -4.64 22.91 4.63
N LEU A 310 -5.22 23.85 5.38
CA LEU A 310 -6.03 23.52 6.54
C LEU A 310 -7.05 22.44 6.18
N GLY A 311 -7.10 21.37 6.99
CA GLY A 311 -8.01 20.27 6.75
C GLY A 311 -7.50 19.15 5.85
N CYS A 312 -6.27 19.30 5.32
CA CYS A 312 -5.69 18.27 4.47
C CYS A 312 -5.10 17.13 5.33
N VAL A 313 -6.02 16.28 5.79
CA VAL A 313 -5.72 15.17 6.68
C VAL A 313 -4.95 14.07 5.93
N PRO A 314 -4.31 13.16 6.69
CA PRO A 314 -3.77 11.94 6.07
C PRO A 314 -4.88 11.17 5.36
N CYS A 315 -4.48 10.44 4.32
N CYS A 315 -4.52 10.43 4.32
CA CYS A 315 -5.41 9.52 3.67
CA CYS A 315 -5.46 9.59 3.57
C CYS A 315 -5.48 8.21 4.47
C CYS A 315 -5.55 8.20 4.20
N ARG A 316 -6.69 7.66 4.57
N ARG A 316 -6.72 7.74 4.63
CA ARG A 316 -6.85 6.39 5.29
CA ARG A 316 -6.97 6.45 5.22
C ARG A 316 -8.13 5.73 4.83
C ARG A 316 -8.20 5.72 4.74
N ASN A 317 -8.17 4.41 4.97
CA ASN A 317 -9.29 3.54 4.64
C ASN A 317 -9.56 3.55 3.14
N GLY A 318 -8.51 3.33 2.36
CA GLY A 318 -8.61 3.23 0.92
C GLY A 318 -8.63 1.79 0.45
N TYR A 319 -9.43 1.48 -0.55
N TYR A 319 -9.40 1.52 -0.58
CA TYR A 319 -9.49 0.13 -1.09
CA TYR A 319 -9.48 0.18 -1.15
C TYR A 319 -9.67 0.22 -2.61
C TYR A 319 -9.68 0.29 -2.66
N VAL A 320 -8.64 -0.11 -3.36
CA VAL A 320 -8.63 -0.10 -4.83
C VAL A 320 -8.54 -1.54 -5.29
N SER A 321 -9.49 -1.96 -6.16
N SER A 321 -9.50 -1.99 -6.13
CA SER A 321 -9.67 -3.33 -6.54
CA SER A 321 -9.40 -3.37 -6.57
C SER A 321 -9.81 -3.49 -8.03
C SER A 321 -9.73 -3.43 -8.04
N GLY A 322 -9.14 -4.42 -8.67
CA GLY A 322 -9.40 -4.70 -10.07
C GLY A 322 -8.98 -3.60 -11.01
N ALA A 323 -7.96 -2.86 -10.64
CA ALA A 323 -7.50 -1.72 -11.43
C ALA A 323 -6.17 -2.02 -12.10
N ILE A 324 -6.01 -1.55 -13.32
CA ILE A 324 -4.78 -1.68 -14.10
C ILE A 324 -4.19 -0.29 -14.22
N LEU A 325 -3.02 -0.08 -13.59
CA LEU A 325 -2.50 1.24 -13.29
C LEU A 325 -1.04 1.34 -13.75
N HIS A 326 -0.78 2.24 -14.72
CA HIS A 326 0.55 2.32 -15.29
C HIS A 326 1.05 3.75 -15.45
N SER A 327 2.37 3.88 -15.21
N SER A 327 2.37 3.86 -15.24
CA SER A 327 3.10 5.10 -15.48
CA SER A 327 3.23 5.03 -15.38
C SER A 327 3.99 4.91 -16.69
C SER A 327 4.05 4.94 -16.66
N GLU A 328 4.12 5.94 -17.50
N GLU A 328 4.13 5.96 -17.49
CA GLU A 328 5.03 5.92 -18.67
CA GLU A 328 5.03 5.93 -18.66
C GLU A 328 6.48 6.07 -18.25
C GLU A 328 6.48 6.09 -18.27
N THR A 329 6.78 6.99 -17.33
CA THR A 329 8.09 7.09 -16.75
C THR A 329 8.29 5.94 -15.76
N ASP A 330 9.52 5.82 -15.25
CA ASP A 330 9.89 4.67 -14.43
C ASP A 330 9.55 4.79 -12.95
N THR A 331 8.52 5.51 -12.61
CA THR A 331 7.92 5.51 -11.29
C THR A 331 6.85 4.40 -11.24
N SER A 332 5.94 4.50 -10.27
CA SER A 332 4.92 3.48 -10.09
C SER A 332 3.58 3.89 -10.64
N GLY A 333 2.87 2.91 -11.20
CA GLY A 333 1.48 3.12 -11.58
C GLY A 333 0.57 3.35 -10.40
N ALA A 334 0.65 2.43 -9.44
CA ALA A 334 -0.05 2.52 -8.15
C ALA A 334 0.87 3.22 -7.15
N ASP A 335 0.29 4.15 -6.38
CA ASP A 335 1.06 4.90 -5.41
C ASP A 335 0.34 5.03 -4.08
N MET A 336 1.18 5.15 -3.04
CA MET A 336 0.79 5.64 -1.74
C MET A 336 1.92 6.55 -1.24
N HIS A 337 1.63 7.83 -1.01
CA HIS A 337 2.57 8.74 -0.41
C HIS A 337 2.69 8.49 1.10
N GLY A 338 3.66 9.17 1.73
CA GLY A 338 3.92 9.04 3.15
C GLY A 338 2.88 9.60 4.11
N ASN A 339 1.81 10.22 3.61
N ASN A 339 1.82 10.19 3.56
CA ASN A 339 0.68 10.56 4.44
CA ASN A 339 0.64 10.60 4.32
C ASN A 339 -0.50 9.59 4.27
C ASN A 339 -0.52 9.63 4.16
N VAL A 340 -0.24 8.36 3.79
CA VAL A 340 -1.27 7.39 3.53
C VAL A 340 -1.08 6.17 4.43
N GLU A 341 -2.14 5.79 5.14
CA GLU A 341 -2.16 4.58 5.95
C GLU A 341 -3.47 3.85 5.68
N ARG A 342 -3.60 2.63 6.21
N ARG A 342 -3.55 2.60 6.15
CA ARG A 342 -4.88 1.91 6.16
CA ARG A 342 -4.77 1.81 6.09
C ARG A 342 -5.41 1.82 4.71
C ARG A 342 -5.41 1.79 4.71
N THR A 343 -4.53 1.53 3.76
CA THR A 343 -4.88 1.56 2.33
C THR A 343 -4.37 0.30 1.64
N VAL A 344 -5.17 -0.14 0.69
N VAL A 344 -5.17 -0.22 0.71
CA VAL A 344 -4.98 -1.41 -0.01
CA VAL A 344 -4.85 -1.46 0.01
C VAL A 344 -5.19 -1.30 -1.52
C VAL A 344 -5.16 -1.31 -1.48
N TYR A 345 -4.27 -1.88 -2.29
CA TYR A 345 -4.51 -2.26 -3.68
C TYR A 345 -4.64 -3.79 -3.72
N ASP A 346 -5.77 -4.27 -4.21
CA ASP A 346 -6.08 -5.72 -4.25
C ASP A 346 -6.45 -6.11 -5.66
N HIS A 347 -5.85 -7.18 -6.19
CA HIS A 347 -6.20 -7.64 -7.54
C HIS A 347 -5.98 -6.55 -8.57
N CYS A 348 -4.91 -5.78 -8.41
CA CYS A 348 -4.50 -4.73 -9.33
C CYS A 348 -3.23 -5.13 -10.07
N THR A 349 -2.96 -4.43 -11.16
CA THR A 349 -1.71 -4.56 -11.89
C THR A 349 -1.04 -3.19 -11.90
N THR A 350 0.28 -3.18 -11.67
CA THR A 350 1.06 -1.94 -11.68
C THR A 350 2.46 -2.26 -12.11
N ASN A 351 3.10 -1.28 -12.77
CA ASN A 351 4.57 -1.25 -12.85
C ASN A 351 5.06 -0.48 -11.61
N TYR A 352 5.81 -1.18 -10.77
CA TYR A 352 6.39 -0.64 -9.54
C TYR A 352 5.27 -0.30 -8.54
N ALA A 353 5.67 0.08 -7.33
CA ALA A 353 4.69 0.33 -6.26
C ALA A 353 5.38 1.13 -5.16
N THR A 354 4.70 2.14 -4.64
CA THR A 354 5.11 2.86 -3.46
C THR A 354 4.17 2.54 -2.30
N PHE A 355 4.72 2.50 -1.08
CA PHE A 355 4.02 1.80 0.03
C PHE A 355 3.53 2.68 1.15
N GLY A 356 3.69 4.01 1.05
CA GLY A 356 3.08 4.90 2.00
C GLY A 356 3.66 4.81 3.40
N ALA A 357 2.85 5.27 4.37
CA ALA A 357 3.31 5.45 5.73
C ALA A 357 3.41 4.14 6.52
N GLY A 358 2.47 3.22 6.27
CA GLY A 358 2.36 1.97 7.00
C GLY A 358 0.91 1.58 7.20
N ASP A 359 0.73 0.36 7.74
CA ASP A 359 -0.56 -0.29 7.80
C ASP A 359 -1.24 -0.29 6.44
N ASN A 360 -0.45 -0.63 5.40
CA ASN A 360 -0.88 -0.65 4.02
C ASN A 360 -0.64 -2.04 3.43
N GLU A 361 -1.28 -2.31 2.30
CA GLU A 361 -1.19 -3.64 1.67
C GLU A 361 -1.27 -3.56 0.16
N TYR A 362 -0.47 -4.38 -0.49
CA TYR A 362 -0.72 -4.83 -1.87
C TYR A 362 -1.01 -6.33 -1.78
N SER A 363 -2.17 -6.76 -2.27
CA SER A 363 -2.55 -8.16 -2.21
C SER A 363 -3.05 -8.62 -3.58
N ASN A 364 -2.69 -9.85 -3.94
CA ASN A 364 -3.20 -10.44 -5.18
C ASN A 364 -2.90 -9.56 -6.40
N CYS A 365 -1.82 -8.83 -6.36
CA CYS A 365 -1.47 -7.92 -7.46
C CYS A 365 -0.39 -8.51 -8.36
N ASP A 366 -0.41 -8.05 -9.61
N ASP A 366 -0.40 -8.08 -9.61
CA ASP A 366 0.66 -8.28 -10.56
CA ASP A 366 0.69 -8.34 -10.54
C ASP A 366 1.53 -7.03 -10.53
C ASP A 366 1.54 -7.08 -10.57
N ILE A 367 2.78 -7.18 -10.08
CA ILE A 367 3.67 -6.04 -9.87
C ILE A 367 4.92 -6.24 -10.73
N TYR A 368 5.10 -5.39 -11.73
N TYR A 368 5.09 -5.34 -11.70
CA TYR A 368 6.25 -5.45 -12.61
CA TYR A 368 6.23 -5.37 -12.59
C TYR A 368 7.38 -4.61 -12.04
C TYR A 368 7.40 -4.57 -12.00
N GLU A 369 8.59 -5.11 -12.15
CA GLU A 369 9.79 -4.43 -11.69
C GLU A 369 10.00 -3.16 -12.49
N ARG A 370 10.45 -2.08 -11.82
CA ARG A 370 10.86 -0.88 -12.56
C ARG A 370 12.20 -1.16 -13.28
N GLU A 371 12.50 -0.35 -14.29
CA GLU A 371 13.77 -0.44 -14.98
C GLU A 371 14.95 -0.24 -14.05
N GLY A 372 14.76 0.65 -13.05
CA GLY A 372 15.80 0.98 -12.09
C GLY A 372 16.00 -0.02 -10.94
N GLN A 373 15.37 -1.17 -11.04
CA GLN A 373 15.43 -2.32 -10.12
C GLN A 373 14.41 -2.21 -8.99
N GLY A 374 13.83 -3.36 -8.67
CA GLY A 374 12.90 -3.51 -7.55
C GLY A 374 11.45 -3.38 -8.00
N CYS A 375 10.56 -4.02 -7.17
CA CYS A 375 9.13 -3.96 -7.38
C CYS A 375 8.37 -3.05 -6.43
N VAL A 376 8.77 -3.00 -5.15
CA VAL A 376 8.04 -2.30 -4.13
C VAL A 376 9.00 -1.43 -3.32
N LEU A 377 8.67 -0.17 -3.17
CA LEU A 377 9.51 0.80 -2.47
C LEU A 377 8.80 1.34 -1.24
N ILE A 378 9.51 1.32 -0.12
CA ILE A 378 9.10 1.95 1.14
C ILE A 378 10.06 3.13 1.36
N ALA A 379 9.68 4.32 0.92
CA ALA A 379 10.56 5.49 0.92
C ALA A 379 10.13 6.58 1.87
N GLU A 380 8.91 6.55 2.43
CA GLU A 380 8.51 7.51 3.46
C GLU A 380 7.89 6.76 4.65
N PRO A 381 8.59 5.76 5.23
CA PRO A 381 7.95 4.97 6.25
C PRO A 381 7.76 5.71 7.57
N ARG A 382 6.58 5.54 8.14
CA ARG A 382 6.22 6.05 9.47
C ARG A 382 6.17 4.95 10.51
N GLY A 383 5.65 3.78 10.14
CA GLY A 383 5.57 2.67 11.06
C GLY A 383 4.30 1.87 10.80
N GLY A 384 4.23 0.72 11.40
CA GLY A 384 3.14 -0.21 11.19
C GLY A 384 3.52 -1.30 10.19
N GLU A 385 2.49 -1.97 9.67
N GLU A 385 2.50 -1.95 9.65
CA GLU A 385 2.69 -3.14 8.82
CA GLU A 385 2.69 -3.17 8.87
C GLU A 385 2.66 -2.75 7.34
C GLU A 385 2.59 -2.89 7.37
N PHE A 386 3.52 -3.41 6.60
CA PHE A 386 3.58 -3.31 5.14
C PHE A 386 3.33 -4.73 4.62
N LYS A 387 2.10 -4.99 4.21
CA LYS A 387 1.65 -6.34 3.90
C LYS A 387 1.68 -6.58 2.40
N LEU A 388 2.33 -7.66 1.99
CA LEU A 388 2.45 -8.07 0.59
C LEU A 388 1.92 -9.50 0.50
N THR A 389 0.63 -9.62 0.15
CA THR A 389 -0.08 -10.87 0.35
C THR A 389 -0.41 -11.48 -1.01
N ASN A 390 0.23 -12.61 -1.34
N ASN A 390 0.23 -12.60 -1.34
CA ASN A 390 -0.15 -13.37 -2.53
CA ASN A 390 -0.09 -13.41 -2.52
C ASN A 390 -0.01 -12.57 -3.82
C ASN A 390 0.05 -12.63 -3.82
N ASN A 391 1.02 -11.73 -3.93
CA ASN A 391 1.27 -11.03 -5.19
C ASN A 391 2.11 -11.91 -6.13
N THR A 392 2.06 -11.53 -7.41
CA THR A 392 2.95 -12.08 -8.44
C THR A 392 3.88 -10.94 -8.87
N TYR A 393 5.17 -11.20 -8.81
CA TYR A 393 6.19 -10.20 -9.11
C TYR A 393 6.91 -10.62 -10.37
N TYR A 394 7.09 -9.68 -11.29
N TYR A 394 7.10 -9.66 -11.28
CA TYR A 394 7.78 -9.97 -12.57
CA TYR A 394 7.81 -9.85 -12.55
C TYR A 394 9.04 -9.17 -12.61
C TYR A 394 9.10 -9.06 -12.55
N THR A 395 10.21 -9.79 -12.52
CA THR A 395 11.49 -9.13 -12.46
C THR A 395 12.39 -9.60 -13.59
N LYS A 396 13.38 -8.74 -13.88
N LYS A 396 13.44 -8.80 -13.85
CA LYS A 396 14.38 -9.03 -14.90
CA LYS A 396 14.47 -9.17 -14.80
C LYS A 396 15.78 -8.52 -14.54
C LYS A 396 15.86 -8.66 -14.45
N THR A 397 15.96 -7.68 -13.58
CA THR A 397 17.28 -7.17 -13.24
C THR A 397 17.96 -8.10 -12.23
N PRO A 398 19.23 -7.87 -11.92
CA PRO A 398 19.90 -8.66 -10.90
C PRO A 398 19.49 -8.32 -9.48
N LEU A 399 18.71 -7.26 -9.26
CA LEU A 399 18.22 -6.92 -7.93
C LEU A 399 19.35 -6.74 -6.91
N ASN A 400 20.48 -6.26 -7.40
CA ASN A 400 21.66 -6.04 -6.57
C ASN A 400 21.70 -4.68 -5.92
N SER A 401 21.10 -3.68 -6.58
N SER A 401 21.13 -3.67 -6.58
CA SER A 401 21.11 -2.32 -6.04
CA SER A 401 21.04 -2.30 -6.10
C SER A 401 19.81 -2.03 -5.30
C SER A 401 19.83 -2.17 -5.20
N TRP A 402 18.67 -2.53 -5.76
CA TRP A 402 17.43 -2.46 -5.05
C TRP A 402 16.85 -3.88 -5.02
N SER A 403 16.44 -4.31 -3.83
CA SER A 403 15.82 -5.60 -3.65
C SER A 403 14.37 -5.59 -4.17
N LEU A 404 13.78 -6.78 -4.22
CA LEU A 404 12.38 -6.89 -4.66
C LEU A 404 11.48 -5.88 -3.90
N VAL A 405 11.64 -5.90 -2.59
CA VAL A 405 10.94 -5.04 -1.64
C VAL A 405 12.06 -4.33 -0.86
N HIS A 406 12.08 -2.99 -0.93
CA HIS A 406 13.21 -2.26 -0.39
C HIS A 406 12.70 -1.04 0.37
N GLY A 407 13.23 -0.88 1.57
CA GLY A 407 12.91 0.30 2.36
C GLY A 407 14.16 1.02 2.81
N ILE A 408 14.06 2.35 2.84
CA ILE A 408 15.13 3.21 3.33
C ILE A 408 14.55 4.09 4.41
N ILE A 409 15.14 3.97 5.62
CA ILE A 409 14.69 4.73 6.78
C ILE A 409 15.57 5.95 6.91
N GLU A 410 15.02 7.11 6.52
N GLU A 410 15.05 7.14 6.56
CA GLU A 410 15.69 8.40 6.51
CA GLU A 410 15.83 8.36 6.64
C GLU A 410 15.43 9.21 7.77
C GLU A 410 15.44 9.26 7.80
N LYS A 411 14.37 8.90 8.51
CA LYS A 411 13.84 9.66 9.64
C LYS A 411 13.45 8.67 10.72
N GLN A 412 13.41 9.12 11.95
CA GLN A 412 12.88 8.29 13.01
C GLN A 412 11.48 7.82 12.63
N LEU A 413 11.24 6.55 12.88
CA LEU A 413 9.90 5.96 12.81
C LEU A 413 9.05 6.42 14.00
N HIS A 414 7.74 6.57 13.78
CA HIS A 414 6.79 6.78 14.86
C HIS A 414 6.44 5.49 15.58
N GLU A 415 6.47 4.37 14.88
N GLU A 415 6.47 4.37 14.87
CA GLU A 415 6.12 3.07 15.45
CA GLU A 415 6.07 3.06 15.35
C GLU A 415 7.02 2.03 14.79
C GLU A 415 7.00 2.00 14.75
N ASP A 416 7.12 0.86 15.42
CA ASP A 416 7.85 -0.24 14.83
C ASP A 416 7.33 -0.53 13.43
N LEU A 417 8.22 -0.91 12.53
CA LEU A 417 7.93 -1.21 11.15
C LEU A 417 8.02 -2.71 10.92
N THR A 418 6.98 -3.29 10.30
CA THR A 418 6.99 -4.72 9.98
C THR A 418 6.69 -4.93 8.50
N VAL A 419 7.53 -5.63 7.80
CA VAL A 419 7.22 -6.07 6.44
C VAL A 419 6.73 -7.52 6.51
N LYS A 420 5.56 -7.77 5.97
N LYS A 420 5.53 -7.82 6.03
CA LYS A 420 4.92 -9.09 6.06
CA LYS A 420 5.01 -9.20 6.01
C LYS A 420 4.59 -9.58 4.64
C LYS A 420 4.78 -9.57 4.53
N LEU A 421 5.47 -10.43 4.09
N LEU A 421 5.53 -10.55 4.04
CA LEU A 421 5.34 -10.97 2.73
CA LEU A 421 5.51 -11.11 2.67
C LEU A 421 4.86 -12.40 2.90
C LEU A 421 4.89 -12.49 2.82
N ASP A 422 3.59 -12.60 2.55
CA ASP A 422 2.85 -13.83 2.83
C ASP A 422 2.35 -14.42 1.52
N GLY A 423 3.03 -15.45 1.04
CA GLY A 423 2.66 -16.10 -0.17
C GLY A 423 3.04 -15.31 -1.42
N GLY A 424 2.71 -15.90 -2.57
CA GLY A 424 2.88 -15.32 -3.86
C GLY A 424 3.96 -16.02 -4.69
N CYS A 425 4.30 -15.37 -5.81
N CYS A 425 4.31 -15.41 -5.81
CA CYS A 425 5.15 -15.95 -6.83
CA CYS A 425 5.31 -16.04 -6.65
C CYS A 425 6.12 -14.88 -7.33
C CYS A 425 6.12 -14.91 -7.29
N ILE A 426 7.42 -15.11 -7.13
CA ILE A 426 8.44 -14.18 -7.51
C ILE A 426 9.15 -14.75 -8.76
N ASN A 427 9.01 -14.06 -9.88
CA ASN A 427 9.52 -14.50 -11.15
C ASN A 427 10.75 -13.70 -11.56
N GLY A 428 11.75 -14.38 -12.11
CA GLY A 428 12.85 -13.74 -12.76
C GLY A 428 14.11 -14.54 -12.69
N VAL A 429 15.22 -13.93 -13.08
CA VAL A 429 16.54 -14.57 -13.05
C VAL A 429 17.26 -14.36 -11.75
N GLY A 430 17.03 -13.24 -11.08
CA GLY A 430 17.83 -12.92 -9.88
C GLY A 430 19.29 -12.67 -10.23
N GLY A 431 20.13 -13.05 -9.31
CA GLY A 431 21.57 -12.80 -9.42
C GLY A 431 22.26 -13.07 -8.11
N ALA A 432 23.58 -13.09 -8.17
CA ALA A 432 24.41 -13.42 -7.00
C ALA A 432 24.24 -12.49 -5.85
N SER A 433 23.77 -11.29 -6.09
CA SER A 433 23.58 -10.29 -5.05
C SER A 433 22.09 -9.91 -4.85
N ALA A 434 21.19 -10.69 -5.44
CA ALA A 434 19.77 -10.34 -5.35
C ALA A 434 19.24 -10.49 -3.93
N GLY A 435 18.34 -9.62 -3.56
CA GLY A 435 17.62 -9.72 -2.29
C GLY A 435 16.11 -9.63 -2.51
N ILE A 436 15.37 -10.29 -1.59
CA ILE A 436 13.91 -10.20 -1.60
C ILE A 436 13.44 -9.03 -0.76
N VAL A 437 13.72 -9.03 0.56
CA VAL A 437 13.38 -7.89 1.42
C VAL A 437 14.67 -7.34 2.00
N THR A 438 14.90 -6.05 1.76
CA THR A 438 16.01 -5.32 2.37
C THR A 438 15.48 -4.02 2.97
N ILE A 439 15.80 -3.76 4.24
N ILE A 439 15.89 -3.79 4.21
CA ILE A 439 15.55 -2.48 4.90
CA ILE A 439 15.65 -2.51 4.86
C ILE A 439 16.94 -1.94 5.30
C ILE A 439 16.96 -1.92 5.36
N ARG A 440 17.24 -0.70 4.90
CA ARG A 440 18.44 -0.03 5.33
C ARG A 440 18.10 1.28 6.03
N GLN A 441 18.87 1.61 7.05
CA GLN A 441 18.90 2.97 7.60
C GLN A 441 19.78 3.82 6.71
N SER A 442 19.31 5.01 6.34
CA SER A 442 20.11 5.93 5.56
C SER A 442 21.31 6.43 6.37
N ASN A 443 22.42 6.63 5.66
CA ASN A 443 23.55 7.31 6.30
C ASN A 443 23.19 8.71 6.70
N ALA A 444 22.16 9.33 6.10
CA ALA A 444 21.76 10.70 6.47
C ALA A 444 21.07 10.72 7.81
N LEU A 445 20.58 9.61 8.36
CA LEU A 445 20.01 9.56 9.68
C LEU A 445 21.18 9.19 10.62
N ASN A 446 21.87 10.19 11.12
N ASN A 446 21.74 10.25 11.17
CA ASN A 446 23.12 9.98 11.86
CA ASN A 446 22.91 10.30 12.03
C ASN A 446 22.81 9.95 13.36
C ASN A 446 22.58 10.16 13.50
N GLU A 447 21.97 9.00 13.74
CA GLU A 447 21.59 8.71 15.13
C GLU A 447 20.94 7.34 15.15
N ALA A 448 20.97 6.69 16.29
CA ALA A 448 20.36 5.40 16.42
C ALA A 448 18.83 5.54 16.31
N LEU A 449 18.25 4.56 15.60
N LEU A 449 18.19 4.53 15.70
CA LEU A 449 16.83 4.43 15.39
CA LEU A 449 16.73 4.48 15.69
C LEU A 449 16.18 4.00 16.68
C LEU A 449 16.16 4.10 17.06
N THR A 450 15.15 4.71 17.14
N THR A 450 15.01 4.70 17.34
CA THR A 450 14.45 4.42 18.38
CA THR A 450 14.42 4.32 18.63
C THR A 450 13.61 3.14 18.31
C THR A 450 13.37 3.23 18.47
N LYS A 451 12.74 3.07 17.32
CA LYS A 451 11.81 1.98 17.11
C LYS A 451 12.54 0.83 16.36
N LYS A 452 11.81 -0.26 16.19
N LYS A 452 11.83 -0.27 16.19
CA LYS A 452 12.28 -1.53 15.66
CA LYS A 452 12.50 -1.44 15.60
C LYS A 452 11.74 -1.84 14.27
C LYS A 452 11.77 -1.88 14.34
N VAL A 453 12.50 -2.73 13.60
CA VAL A 453 12.09 -3.30 12.35
C VAL A 453 11.88 -4.80 12.53
N ASN A 454 10.81 -5.31 11.92
CA ASN A 454 10.53 -6.72 11.87
C ASN A 454 10.28 -7.13 10.40
N VAL A 455 10.61 -8.38 10.06
CA VAL A 455 10.33 -8.90 8.73
C VAL A 455 9.78 -10.30 8.89
N HIS A 456 8.70 -10.60 8.15
CA HIS A 456 7.98 -11.88 8.26
C HIS A 456 7.69 -12.34 6.87
N ILE A 457 8.38 -13.38 6.40
CA ILE A 457 8.27 -13.94 5.07
C ILE A 457 7.83 -15.41 5.21
N THR A 458 6.66 -15.71 4.64
CA THR A 458 5.99 -16.95 4.97
C THR A 458 5.00 -17.31 3.86
N GLY A 459 4.16 -18.32 4.11
CA GLY A 459 3.05 -18.58 3.23
C GLY A 459 3.37 -19.31 1.96
N GLY A 460 4.57 -19.93 1.88
CA GLY A 460 4.88 -20.71 0.71
C GLY A 460 5.16 -19.89 -0.53
N VAL A 461 5.63 -18.66 -0.34
CA VAL A 461 6.05 -17.83 -1.45
C VAL A 461 7.15 -18.54 -2.23
N SER A 462 7.03 -18.55 -3.54
CA SER A 462 7.98 -19.21 -4.42
C SER A 462 8.83 -18.17 -5.14
N CYS A 463 10.02 -18.60 -5.56
CA CYS A 463 10.95 -17.76 -6.28
C CYS A 463 11.70 -18.63 -7.25
N ASP A 464 11.65 -18.27 -8.55
CA ASP A 464 12.31 -19.07 -9.61
C ASP A 464 13.66 -18.49 -10.04
N PHE A 465 14.25 -17.64 -9.21
CA PHE A 465 15.57 -17.09 -9.55
C PHE A 465 16.60 -18.18 -9.68
N ASP A 466 17.52 -17.99 -10.62
CA ASP A 466 18.69 -18.89 -10.71
C ASP A 466 19.67 -18.66 -9.59
N ALA A 467 19.72 -17.44 -9.05
CA ALA A 467 20.60 -17.09 -7.93
C ALA A 467 19.88 -16.09 -7.06
N LEU A 468 20.11 -16.16 -5.77
CA LEU A 468 19.53 -15.24 -4.78
C LEU A 468 20.49 -15.17 -3.63
N ARG A 469 20.84 -13.94 -3.19
N ARG A 469 20.84 -13.95 -3.19
CA ARG A 469 21.72 -13.80 -2.05
CA ARG A 469 21.72 -13.82 -2.04
C ARG A 469 20.96 -13.94 -0.73
C ARG A 469 20.97 -13.95 -0.72
N HIS A 470 19.81 -13.29 -0.58
CA HIS A 470 19.10 -13.34 0.69
C HIS A 470 17.60 -13.17 0.50
N TRP A 471 16.86 -13.78 1.44
CA TRP A 471 15.43 -13.49 1.60
C TRP A 471 15.21 -12.22 2.42
N ALA A 472 15.85 -12.09 3.58
CA ALA A 472 15.67 -10.93 4.45
C ALA A 472 17.01 -10.36 4.92
N TRP A 473 17.10 -9.03 4.92
CA TRP A 473 18.26 -8.34 5.50
C TRP A 473 17.81 -6.98 6.00
N VAL A 474 18.28 -6.58 7.18
CA VAL A 474 18.04 -5.27 7.79
C VAL A 474 19.38 -4.79 8.32
N GLU A 475 19.82 -3.56 7.97
CA GLU A 475 21.12 -3.11 8.42
C GLU A 475 21.25 -1.59 8.26
N ASP A 476 22.13 -1.02 9.07
CA ASP A 476 22.48 0.39 8.93
C ASP A 476 23.17 0.63 7.58
N GLY A 477 23.21 1.90 7.19
CA GLY A 477 23.81 2.28 5.95
C GLY A 477 25.35 2.23 5.98
N THR A 478 25.92 2.26 7.15
CA THR A 478 27.35 2.05 7.41
C THR A 478 27.40 0.86 8.34
N ILE A 479 28.03 -0.23 7.91
CA ILE A 479 28.08 -1.42 8.73
C ILE A 479 28.90 -1.13 9.98
N GLY A 480 28.35 -1.36 11.14
CA GLY A 480 29.05 -1.10 12.39
C GLY A 480 28.89 0.28 12.95
N ARG A 481 28.13 1.16 12.31
CA ARG A 481 27.87 2.49 12.84
C ARG A 481 26.86 2.40 13.93
N TYR A 482 25.56 2.14 13.58
CA TYR A 482 24.53 1.88 14.54
C TYR A 482 24.01 0.47 14.29
N THR A 483 23.44 -0.11 15.36
CA THR A 483 22.55 -1.26 15.20
C THR A 483 21.16 -0.74 14.86
N VAL A 484 20.55 -1.28 13.81
CA VAL A 484 19.12 -1.05 13.56
C VAL A 484 18.37 -2.00 14.47
N PRO A 485 17.59 -1.54 15.44
CA PRO A 485 16.87 -2.49 16.31
C PRO A 485 15.93 -3.33 15.50
N ILE A 486 15.92 -4.66 15.77
CA ILE A 486 15.08 -5.63 15.13
C ILE A 486 14.35 -6.38 16.21
N GLY A 487 13.03 -6.50 16.10
CA GLY A 487 12.28 -7.32 17.02
C GLY A 487 12.39 -8.79 16.66
N TYR A 488 11.83 -9.11 15.48
CA TYR A 488 11.93 -10.46 14.96
C TYR A 488 12.05 -10.44 13.46
N ILE A 489 12.69 -11.51 12.96
CA ILE A 489 12.68 -11.84 11.54
C ILE A 489 12.28 -13.32 11.43
N ILE A 490 11.19 -13.57 10.71
CA ILE A 490 10.72 -14.91 10.43
C ILE A 490 10.82 -15.13 8.92
N VAL A 491 11.54 -16.19 8.52
CA VAL A 491 11.60 -16.64 7.13
C VAL A 491 11.42 -18.14 7.22
N ASP A 492 10.15 -18.59 7.28
CA ASP A 492 9.85 -19.96 7.73
C ASP A 492 9.24 -20.87 6.66
N ASP A 493 8.80 -20.34 5.54
CA ASP A 493 8.08 -21.13 4.54
C ASP A 493 8.19 -20.41 3.19
N VAL A 494 9.32 -20.67 2.53
CA VAL A 494 9.67 -20.11 1.24
C VAL A 494 10.14 -21.28 0.37
N VAL A 495 10.08 -21.07 -0.96
N VAL A 495 10.09 -21.10 -0.96
CA VAL A 495 10.45 -22.07 -1.94
CA VAL A 495 10.69 -22.15 -1.78
C VAL A 495 11.35 -21.43 -2.99
C VAL A 495 11.35 -21.49 -2.98
N ASN A 496 12.64 -21.82 -3.08
CA ASN A 496 13.45 -21.51 -4.26
C ASN A 496 13.33 -22.72 -5.20
N THR A 497 12.72 -22.51 -6.37
CA THR A 497 12.44 -23.61 -7.26
C THR A 497 13.67 -24.10 -8.02
N LYS A 498 14.74 -23.34 -8.09
CA LYS A 498 15.92 -23.69 -8.86
C LYS A 498 16.98 -24.32 -7.98
N ASP A 499 17.60 -25.38 -8.51
N ASP A 499 17.59 -25.40 -8.45
CA ASP A 499 18.61 -26.08 -7.73
CA ASP A 499 18.67 -26.10 -7.78
C ASP A 499 19.93 -25.34 -7.62
C ASP A 499 19.91 -25.26 -7.55
N THR A 500 20.11 -24.27 -8.40
CA THR A 500 21.29 -23.43 -8.29
C THR A 500 21.17 -22.36 -7.23
N ALA A 501 19.93 -22.07 -6.77
CA ALA A 501 19.77 -21.00 -5.78
C ALA A 501 20.26 -21.46 -4.42
N ASN A 502 20.99 -20.59 -3.76
CA ASN A 502 21.63 -20.91 -2.46
C ASN A 502 21.58 -19.69 -1.54
N PRO A 503 20.40 -19.23 -1.18
CA PRO A 503 20.31 -17.96 -0.46
C PRO A 503 20.49 -18.13 1.01
N TYR A 504 20.86 -17.01 1.69
CA TYR A 504 20.60 -16.87 3.09
C TYR A 504 19.10 -16.65 3.32
N LEU A 505 18.55 -17.32 4.33
CA LEU A 505 17.20 -17.00 4.81
C LEU A 505 17.22 -15.59 5.38
N ILE A 506 18.22 -15.35 6.26
CA ILE A 506 18.45 -14.05 6.89
C ILE A 506 19.94 -13.78 6.72
N TYR A 507 20.29 -12.66 6.09
CA TYR A 507 21.68 -12.35 5.85
C TYR A 507 22.34 -11.91 7.16
N PRO A 508 23.52 -12.47 7.49
CA PRO A 508 24.16 -12.16 8.77
C PRO A 508 25.00 -10.89 8.72
N SER A 509 24.71 -9.97 9.62
CA SER A 509 25.54 -8.78 9.86
C SER A 509 25.17 -8.26 11.23
N GLN A 510 25.82 -7.16 11.64
CA GLN A 510 25.67 -6.67 13.02
C GLN A 510 24.21 -6.62 13.46
N SER A 511 23.34 -5.97 12.68
CA SER A 511 21.98 -5.79 13.20
C SER A 511 21.21 -7.10 13.25
N THR A 512 21.34 -7.97 12.27
CA THR A 512 20.59 -9.22 12.30
C THR A 512 21.14 -10.23 13.33
N LEU A 513 22.36 -10.01 13.82
CA LEU A 513 22.99 -10.90 14.80
C LEU A 513 22.99 -10.31 16.20
N ALA A 514 22.42 -9.14 16.41
CA ALA A 514 22.49 -8.51 17.73
C ALA A 514 21.75 -9.33 18.76
N THR A 515 22.21 -9.15 19.99
N THR A 515 22.12 -9.28 20.05
CA THR A 515 21.79 -9.98 21.13
CA THR A 515 21.70 -10.34 20.98
C THR A 515 20.30 -10.20 21.24
C THR A 515 20.21 -10.39 21.31
N ASN A 516 19.56 -9.09 21.15
N ASN A 516 19.45 -9.30 21.18
CA ASN A 516 18.14 -9.34 21.44
CA ASN A 516 18.01 -9.48 21.51
C ASN A 516 17.25 -9.76 20.29
C ASN A 516 17.20 -9.92 20.30
N VAL A 517 17.82 -9.95 19.12
CA VAL A 517 17.06 -10.27 17.93
C VAL A 517 16.59 -11.71 17.97
N LYS A 518 15.32 -11.95 17.64
CA LYS A 518 14.78 -13.30 17.62
C LYS A 518 14.32 -13.65 16.21
N THR A 519 14.60 -14.88 15.81
CA THR A 519 14.27 -15.33 14.47
C THR A 519 13.60 -16.66 14.46
N ARG A 520 12.85 -16.92 13.36
CA ARG A 520 12.47 -18.25 12.96
C ARG A 520 12.99 -18.42 11.55
N GLN A 521 13.77 -19.48 11.32
CA GLN A 521 14.38 -19.75 10.05
C GLN A 521 14.03 -21.17 9.63
N MET A 522 13.57 -21.28 8.39
CA MET A 522 12.96 -22.49 7.84
C MET A 522 13.76 -23.74 8.13
N LEU A 523 13.04 -24.76 8.57
CA LEU A 523 13.60 -26.08 8.79
CA LEU A 523 13.66 -26.06 8.80
C LEU A 523 14.07 -26.69 7.47
N GLN A 524 15.14 -27.49 7.55
CA GLN A 524 15.63 -28.33 6.48
C GLN A 524 15.85 -29.74 7.06
N GLN A 525 15.89 -30.75 6.22
N GLN A 525 15.89 -30.74 6.20
CA GLN A 525 16.15 -32.11 6.73
CA GLN A 525 15.95 -32.13 6.65
C GLN A 525 16.55 -32.96 5.56
C GLN A 525 16.49 -33.00 5.54
N GLY A 526 17.16 -34.11 5.89
CA GLY A 526 17.59 -35.04 4.87
C GLY A 526 18.10 -36.33 5.45
N VAL A 527 18.58 -37.17 4.52
CA VAL A 527 19.11 -38.49 4.80
C VAL A 527 20.44 -38.64 4.05
N VAL A 528 21.34 -39.40 4.62
CA VAL A 528 22.57 -39.80 3.92
C VAL A 528 22.91 -41.21 4.34
N SER A 529 23.12 -42.07 3.33
CA SER A 529 23.62 -43.43 3.61
CA SER A 529 23.61 -43.42 3.63
C SER A 529 25.12 -43.36 3.88
N VAL A 530 25.55 -44.09 4.89
CA VAL A 530 26.97 -44.23 5.23
C VAL A 530 27.29 -45.71 5.31
N THR A 531 28.57 -46.01 5.13
CA THR A 531 29.07 -47.39 5.29
C THR A 531 30.27 -47.33 6.21
N SER A 532 30.19 -48.04 7.32
CA SER A 532 31.33 -48.11 8.23
C SER A 532 32.46 -48.92 7.59
N ALA A 533 33.68 -48.63 8.08
CA ALA A 533 34.86 -49.36 7.64
C ALA A 533 35.51 -50.02 8.84
N VAL A 534 36.24 -51.11 8.56
CA VAL A 534 36.97 -51.83 9.60
C VAL A 534 37.86 -50.86 10.34
N ASN A 535 37.81 -50.95 11.66
CA ASN A 535 38.59 -50.14 12.60
C ASN A 535 38.02 -48.76 12.82
N ASN A 536 36.87 -48.40 12.21
CA ASN A 536 36.30 -47.10 12.53
C ASN A 536 35.96 -47.02 14.04
N THR A 537 36.29 -45.85 14.60
CA THR A 537 35.82 -45.44 15.91
C THR A 537 34.74 -44.38 15.80
N ALA A 538 34.63 -43.76 14.62
CA ALA A 538 33.50 -42.93 14.20
C ALA A 538 33.21 -43.29 12.76
N THR A 539 31.97 -43.13 12.32
CA THR A 539 31.61 -43.22 10.91
C THR A 539 30.87 -41.92 10.57
N ARG A 540 31.49 -41.09 9.73
CA ARG A 540 31.03 -39.73 9.51
C ARG A 540 30.50 -39.59 8.11
N ALA A 541 29.30 -39.01 7.94
CA ALA A 541 28.91 -38.57 6.62
C ALA A 541 29.86 -37.48 6.15
N ASN A 542 29.99 -37.31 4.83
CA ASN A 542 30.64 -36.13 4.33
C ASN A 542 29.83 -34.90 4.76
N VAL A 543 30.51 -33.77 4.89
N VAL A 543 30.51 -33.78 4.92
CA VAL A 543 29.81 -32.54 5.25
CA VAL A 543 29.88 -32.50 5.23
C VAL A 543 28.72 -32.27 4.23
C VAL A 543 28.74 -32.22 4.26
N ILE A 544 27.59 -31.81 4.75
CA ILE A 544 26.41 -31.46 3.98
C ILE A 544 26.29 -29.96 3.89
N ASN A 545 26.29 -29.43 2.67
CA ASN A 545 26.10 -28.04 2.41
C ASN A 545 24.61 -27.74 2.21
N LEU A 546 24.07 -26.89 3.07
CA LEU A 546 22.65 -26.64 3.10
C LEU A 546 22.24 -25.69 1.95
N LYS A 547 21.10 -26.03 1.30
N LYS A 547 21.12 -26.02 1.28
CA LYS A 547 20.62 -25.15 0.25
CA LYS A 547 20.59 -25.17 0.23
C LYS A 547 20.26 -23.77 0.74
C LYS A 547 20.25 -23.78 0.74
N TYR A 548 19.55 -23.72 1.86
CA TYR A 548 19.18 -22.45 2.48
C TYR A 548 20.13 -22.22 3.64
N LYS A 549 20.79 -21.06 3.68
N LYS A 549 20.81 -21.07 3.66
CA LYS A 549 21.76 -20.80 4.73
CA LYS A 549 21.80 -20.71 4.64
C LYS A 549 21.12 -19.96 5.83
C LYS A 549 21.13 -19.99 5.81
N TYR A 550 21.55 -20.27 7.05
CA TYR A 550 21.04 -19.55 8.22
C TYR A 550 21.92 -18.31 8.52
N SER A 551 21.39 -17.44 9.37
CA SER A 551 22.18 -16.29 9.81
C SER A 551 23.27 -16.69 10.79
N LYS A 552 23.09 -17.84 11.46
CA LYS A 552 23.96 -18.29 12.53
C LYS A 552 23.82 -19.82 12.54
N ALA A 553 24.72 -20.51 13.26
CA ALA A 553 24.65 -21.95 13.31
C ALA A 553 23.27 -22.39 13.77
N PRO A 554 22.61 -23.28 13.03
CA PRO A 554 21.26 -23.69 13.40
C PRO A 554 21.26 -24.73 14.52
N ASN A 555 20.07 -24.98 15.04
CA ASN A 555 19.85 -26.20 15.82
C ASN A 555 19.95 -27.40 14.85
N VAL A 556 20.51 -28.51 15.34
CA VAL A 556 20.68 -29.69 14.52
C VAL A 556 20.27 -30.92 15.32
N ILE A 557 19.44 -31.77 14.74
N ILE A 557 19.35 -31.68 14.76
CA ILE A 557 19.08 -33.08 15.26
CA ILE A 557 18.97 -32.95 15.36
C ILE A 557 19.64 -34.15 14.32
C ILE A 557 19.32 -34.02 14.32
N VAL A 558 20.37 -35.15 14.81
N VAL A 558 19.75 -35.16 14.84
CA VAL A 558 20.87 -36.28 14.02
CA VAL A 558 20.24 -36.25 14.04
C VAL A 558 20.32 -37.58 14.63
C VAL A 558 19.68 -37.56 14.54
N SER A 559 19.84 -38.49 13.78
N SER A 559 19.74 -38.55 13.65
CA SER A 559 19.38 -39.81 14.16
CA SER A 559 19.38 -39.88 14.09
C SER A 559 19.94 -40.87 13.22
C SER A 559 20.00 -40.90 13.14
N VAL A 560 19.95 -42.12 13.63
CA VAL A 560 20.48 -43.25 12.85
C VAL A 560 19.36 -44.26 12.65
N GLY A 561 19.33 -44.88 11.47
CA GLY A 561 18.29 -45.85 11.20
C GLY A 561 18.59 -46.73 10.03
N ASN A 562 17.71 -47.72 9.88
CA ASN A 562 17.82 -48.75 8.86
C ASN A 562 17.46 -48.21 7.48
N LEU A 563 17.93 -48.93 6.46
CA LEU A 563 17.58 -48.69 5.08
C LEU A 563 16.17 -49.17 4.75
N VAL A 564 15.48 -48.50 3.85
CA VAL A 564 14.23 -49.04 3.32
C VAL A 564 14.52 -50.38 2.70
N GLY A 565 13.59 -51.32 2.81
CA GLY A 565 13.73 -52.62 2.20
C GLY A 565 14.47 -53.65 3.04
N SER A 566 14.95 -53.26 4.22
N SER A 566 14.85 -53.20 4.24
CA SER A 566 15.59 -54.15 5.15
CA SER A 566 15.55 -53.98 5.23
C SER A 566 14.71 -54.44 6.34
C SER A 566 14.62 -54.42 6.36
N ALA A 567 14.83 -55.62 6.88
CA ALA A 567 14.05 -56.07 8.03
C ALA A 567 14.47 -55.29 9.27
N SER A 568 13.55 -55.23 10.23
CA SER A 568 13.75 -54.49 11.46
C SER A 568 15.09 -54.85 12.10
N TRP A 569 15.86 -53.84 12.49
CA TRP A 569 17.09 -54.07 13.23
C TRP A 569 16.82 -54.78 14.55
N ASP A 570 17.78 -55.65 14.87
CA ASP A 570 17.95 -56.18 16.22
C ASP A 570 19.44 -56.03 16.58
N ALA A 571 19.86 -56.59 17.70
CA ALA A 571 21.26 -56.47 18.13
C ALA A 571 22.24 -57.16 17.21
N THR A 572 21.76 -58.07 16.34
CA THR A 572 22.68 -58.73 15.39
C THR A 572 23.18 -57.81 14.32
N PHE A 573 22.53 -56.66 14.05
CA PHE A 573 22.95 -55.84 12.92
C PHE A 573 24.38 -55.31 13.17
N PHE A 574 24.66 -54.83 14.37
CA PHE A 574 25.93 -54.23 14.70
C PHE A 574 26.84 -55.12 15.56
N ASN A 575 26.42 -56.37 15.81
CA ASN A 575 27.22 -57.28 16.63
C ASN A 575 27.37 -58.63 15.96
N GLU A 576 28.64 -59.07 15.92
CA GLU A 576 29.01 -60.37 15.35
C GLU A 576 28.50 -61.52 16.23
N ASP A 577 28.41 -61.29 17.53
CA ASP A 577 27.95 -62.28 18.50
C ASP A 577 27.27 -61.50 19.58
N THR A 578 25.91 -61.62 19.70
CA THR A 578 25.20 -60.84 20.67
C THR A 578 25.39 -61.33 22.09
N ASN A 579 26.09 -62.41 22.34
N ASN A 579 26.09 -62.41 22.33
CA ASN A 579 26.42 -62.83 23.68
CA ASN A 579 26.48 -62.89 23.63
C ASN A 579 27.78 -62.28 24.09
C ASN A 579 27.66 -62.09 24.16
N VAL A 580 28.37 -61.41 23.27
CA VAL A 580 29.61 -60.69 23.66
C VAL A 580 29.25 -59.27 23.98
N GLU A 581 29.53 -58.88 25.27
CA GLU A 581 29.25 -57.58 25.82
C GLU A 581 30.52 -56.85 26.26
N PRO A 582 30.56 -55.51 26.21
CA PRO A 582 29.50 -54.62 25.72
C PRO A 582 29.11 -54.90 24.29
N LEU A 583 27.85 -54.63 24.00
CA LEU A 583 27.31 -54.68 22.64
C LEU A 583 27.59 -53.34 21.94
N ARG A 584 28.04 -53.44 20.68
CA ARG A 584 28.25 -52.26 19.85
C ARG A 584 26.91 -51.59 19.51
N THR A 585 26.91 -50.26 19.67
CA THR A 585 25.71 -49.48 19.28
C THR A 585 26.19 -48.22 18.57
N PRO A 586 25.34 -47.66 17.70
CA PRO A 586 25.71 -46.45 16.95
C PRO A 586 25.23 -45.18 17.62
N THR A 587 26.09 -44.45 18.35
CA THR A 587 25.61 -43.21 18.99
C THR A 587 25.56 -42.10 17.95
N PRO A 588 24.38 -41.54 17.67
CA PRO A 588 24.28 -40.50 16.64
C PRO A 588 24.68 -39.13 17.20
N VAL A 589 25.40 -38.37 16.41
CA VAL A 589 25.84 -37.03 16.78
C VAL A 589 25.85 -36.14 15.57
N ASN A 590 25.84 -34.81 15.80
CA ASN A 590 26.21 -33.86 14.76
C ASN A 590 27.68 -33.46 14.99
N SER A 591 28.55 -33.86 14.06
CA SER A 591 29.98 -33.67 14.25
C SER A 591 30.49 -32.27 13.92
N LEU A 592 29.75 -31.49 13.15
N LEU A 592 29.76 -31.49 13.15
CA LEU A 592 30.20 -30.15 12.73
CA LEU A 592 30.18 -30.17 12.66
C LEU A 592 28.91 -29.37 12.45
C LEU A 592 28.94 -29.35 12.36
N VAL A 593 28.92 -28.09 12.83
CA VAL A 593 27.84 -27.19 12.46
C VAL A 593 28.43 -25.86 11.99
N ALA A 594 27.81 -25.30 10.97
CA ALA A 594 28.11 -23.95 10.52
C ALA A 594 26.79 -23.34 10.04
N ILE A 595 26.78 -22.07 9.64
N ILE A 595 26.86 -22.04 9.67
CA ILE A 595 25.52 -21.46 9.18
CA ILE A 595 25.63 -21.41 9.14
C ILE A 595 24.97 -22.11 7.93
C ILE A 595 25.03 -22.13 7.97
N ASP A 596 25.74 -22.96 7.22
N ASP A 596 25.93 -22.79 7.22
CA ASP A 596 25.15 -23.67 6.09
CA ASP A 596 25.66 -23.39 5.95
C ASP A 596 25.76 -25.06 5.93
C ASP A 596 25.97 -24.90 5.93
N GLN A 597 26.23 -25.60 7.05
CA GLN A 597 26.71 -26.99 6.99
C GLN A 597 26.29 -27.74 8.25
N VAL A 598 26.03 -29.05 8.01
CA VAL A 598 25.90 -30.03 9.10
C VAL A 598 26.74 -31.24 8.74
N ARG A 599 26.96 -32.13 9.69
CA ARG A 599 27.77 -33.34 9.40
C ARG A 599 27.39 -34.44 10.34
N PRO A 600 26.31 -35.18 10.04
CA PRO A 600 25.91 -36.30 10.88
C PRO A 600 27.00 -37.37 10.94
N ALA A 601 27.06 -38.02 12.10
CA ALA A 601 28.05 -39.10 12.31
C ALA A 601 27.53 -40.05 13.36
N ILE A 602 28.19 -41.21 13.43
CA ILE A 602 28.08 -42.14 14.53
C ILE A 602 29.40 -42.19 15.27
N LEU A 603 29.31 -42.18 16.60
CA LEU A 603 30.44 -42.51 17.48
C LEU A 603 30.20 -43.94 17.99
N TRP A 604 31.18 -44.81 17.79
CA TRP A 604 31.07 -46.20 18.19
C TRP A 604 31.59 -46.41 19.60
N ASN A 605 30.95 -47.25 20.38
CA ASN A 605 31.50 -47.68 21.67
C ASN A 605 32.53 -48.78 21.56
N LYS A 606 32.63 -49.48 20.46
N LYS A 606 32.54 -49.43 20.42
CA LYS A 606 33.79 -50.37 20.27
CA LYS A 606 33.42 -50.56 20.08
C LYS A 606 33.94 -50.38 18.74
C LYS A 606 33.89 -50.38 18.64
N LYS A 607 35.22 -50.35 18.37
CA LYS A 607 35.62 -50.10 17.00
C LYS A 607 35.04 -51.19 16.10
N VAL A 608 34.73 -50.78 14.87
CA VAL A 608 34.05 -51.61 13.93
C VAL A 608 34.92 -52.78 13.47
N VAL A 609 34.28 -53.95 13.37
CA VAL A 609 34.86 -55.17 12.83
C VAL A 609 34.25 -55.51 11.47
N THR A 610 32.95 -55.30 11.28
CA THR A 610 32.25 -55.67 10.08
C THR A 610 31.63 -54.43 9.46
N PRO A 611 31.97 -54.07 8.26
CA PRO A 611 31.34 -52.91 7.58
C PRO A 611 29.80 -53.12 7.52
N LYS A 612 29.09 -52.02 7.75
N LYS A 612 29.10 -52.01 7.74
CA LYS A 612 27.64 -51.98 7.67
CA LYS A 612 27.66 -52.03 7.56
C LYS A 612 27.18 -50.69 6.97
C LYS A 612 27.24 -50.72 6.88
N THR A 613 26.15 -50.81 6.12
CA THR A 613 25.55 -49.67 5.43
C THR A 613 24.22 -49.34 6.08
N PHE A 614 24.00 -48.06 6.38
CA PHE A 614 22.80 -47.62 7.10
C PHE A 614 22.61 -46.14 6.87
N ASN A 615 21.51 -45.62 7.37
CA ASN A 615 21.19 -44.19 7.19
C ASN A 615 21.50 -43.35 8.41
N LEU A 616 21.95 -42.13 8.13
CA LEU A 616 21.94 -41.03 9.06
C LEU A 616 20.92 -40.00 8.56
N TYR A 617 20.17 -39.45 9.50
CA TYR A 617 19.16 -38.45 9.23
C TYR A 617 19.51 -37.18 9.99
N TRP A 618 19.09 -36.03 9.46
CA TRP A 618 19.35 -34.78 10.10
C TRP A 618 18.19 -33.81 9.85
N GLU A 619 18.03 -32.85 10.76
N GLU A 619 18.08 -32.86 10.78
CA GLU A 619 17.12 -31.73 10.60
CA GLU A 619 17.16 -31.74 10.66
C GLU A 619 17.79 -30.52 11.21
C GLU A 619 17.82 -30.51 11.23
N SER A 620 17.68 -29.38 10.54
CA SER A 620 18.18 -28.10 11.01
C SER A 620 17.03 -27.10 11.12
N GLY A 621 17.20 -26.11 11.97
CA GLY A 621 16.23 -25.03 12.07
C GLY A 621 16.65 -24.04 13.14
N ILE A 622 15.93 -22.89 13.17
CA ILE A 622 16.08 -21.92 14.26
C ILE A 622 14.66 -21.43 14.62
N ARG A 623 14.32 -21.43 15.89
N ARG A 623 14.32 -21.47 15.90
CA ARG A 623 13.01 -20.90 16.29
CA ARG A 623 13.02 -21.06 16.43
C ARG A 623 13.16 -20.28 17.67
C ARG A 623 13.21 -20.30 17.73
N GLU A 624 13.35 -18.97 17.69
CA GLU A 624 13.71 -18.17 18.87
C GLU A 624 12.58 -17.30 19.41
N ILE A 625 11.43 -17.47 18.74
N ILE A 625 11.43 -17.27 18.82
CA ILE A 625 10.02 -17.03 18.70
CA ILE A 625 10.33 -16.41 19.34
C ILE A 625 9.01 -17.95 17.97
C ILE A 625 9.04 -17.16 19.17
#